data_6YN0
#
_entry.id   6YN0
#
_cell.length_a   63.143
_cell.length_b   283.021
_cell.length_c   62.693
_cell.angle_alpha   90.000
_cell.angle_beta   90.000
_cell.angle_gamma   90.000
#
_symmetry.space_group_name_H-M   'P 21 21 2'
#
loop_
_entity.id
_entity.type
_entity.pdbx_description
1 polymer 'Penicillin-binding protein 1B'
2 polymer 'Cell division protein FtsN'
3 non-polymer MOENOMYCIN
4 water water
#
loop_
_entity_poly.entity_id
_entity_poly.type
_entity_poly.pdbx_seq_one_letter_code
_entity_poly.pdbx_strand_id
1 'polypeptide(L)'
;KPRGKRGWLWLLLKLAIVFAVLIAIYGVYLDQKIRSRIDGKVWQLPAAVYGRMVNLEPDMTISKNEMVKLLEATQYRQVS
KMTRPGEFTVQANSIEMIRRPFDFPDSKEGQVRARLTFDGDHLATIVNMENNRQFGFFRLDPRLITMISSPNGEQRLFVP
RSGFPDLLVDTLLATEDRHFYEHDGISLYSIGRAVLANLTAGRTVQGASTLTQQLVKNLFLSSERSYWRKANEAYMALIM
DARYSKDRILELYMNEVYLGQSGDNEIRGFPLASLYYFGRPVEELSLDQQALLVGMVKGASIYNPWRNPKLALERRNLVL
RLLQQQQIIDQELYDMLSARPLGVQPRGGVISPQPAFMQLVRQELQAKLGDKVKDLSGVKIFTTFDSVAQDAAEKAAVEG
IPALKKQRKLSDLETAIVVVDRFSGEVRAMVGGSEPQFAGYNRAMQARRSIGSLAKPATYLTALSQPKIYRLNTWIADAP
IALRQPNGQVWSPQNDDRRYSESGRVMLVDALTRSMNVPTVNLGMALGLPAVTETWIKLGVPKDQLHPVPAMLLGALNLT
PIEVAQAFQTIASGGNRAPLSALRSVIAEDGKVLYQSFPQAERAVPAQAAYLTLWTMQQVVQRGTGRQLGAKYPNLHLAG
KTGTTNNNVDTWFAGIDGSTVTITWVGRDNNQPTKLYGASGAMSIYQRYLANQTPTPLNLVPPEDIADMGVDYDGNFVCS
GGMRILPVWTSDPQSLCQQSEMQQQPS
;
A
2 'polypeptide(L)' LPPKPEERWRYIKELESRQ B
#
# COMPACT_ATOMS: atom_id res chain seq x y z
N ILE A 17 -63.45 13.55 25.90
CA ILE A 17 -62.03 13.57 26.22
C ILE A 17 -61.35 12.23 25.81
N VAL A 18 -61.85 11.59 24.73
CA VAL A 18 -61.31 10.32 24.24
C VAL A 18 -60.01 10.55 23.44
N PHE A 19 -59.81 11.77 22.88
CA PHE A 19 -58.59 12.10 22.12
C PHE A 19 -57.30 11.99 22.96
N ALA A 20 -57.38 12.24 24.28
CA ALA A 20 -56.24 12.13 25.18
C ALA A 20 -55.76 10.67 25.35
N VAL A 21 -56.67 9.69 25.17
CA VAL A 21 -56.33 8.27 25.27
C VAL A 21 -55.64 7.80 23.97
N LEU A 22 -56.10 8.30 22.80
CA LEU A 22 -55.51 7.92 21.50
C LEU A 22 -54.05 8.39 21.38
N ILE A 23 -53.78 9.66 21.72
CA ILE A 23 -52.42 10.21 21.65
C ILE A 23 -51.48 9.60 22.70
N ALA A 24 -52.01 9.21 23.87
CA ALA A 24 -51.20 8.60 24.94
C ALA A 24 -50.74 7.19 24.56
N ILE A 25 -51.66 6.36 24.04
CA ILE A 25 -51.35 4.99 23.60
C ILE A 25 -50.47 5.02 22.33
N TYR A 26 -50.62 6.07 21.48
CA TYR A 26 -49.80 6.21 20.27
C TYR A 26 -48.34 6.48 20.65
N GLY A 27 -48.12 7.31 21.67
CA GLY A 27 -46.79 7.64 22.18
C GLY A 27 -46.01 6.43 22.69
N VAL A 28 -46.71 5.42 23.21
CA VAL A 28 -46.10 4.18 23.70
C VAL A 28 -45.56 3.38 22.49
N TYR A 29 -46.28 3.39 21.35
CA TYR A 29 -45.85 2.72 20.12
C TYR A 29 -44.65 3.47 19.51
N LEU A 30 -44.62 4.81 19.62
CA LEU A 30 -43.49 5.62 19.14
C LEU A 30 -42.28 5.36 20.03
N ASP A 31 -42.49 5.31 21.37
CA ASP A 31 -41.45 5.01 22.36
C ASP A 31 -40.87 3.61 22.14
N GLN A 32 -41.71 2.63 21.77
CA GLN A 32 -41.28 1.26 21.47
C GLN A 32 -40.45 1.22 20.18
N LYS A 33 -40.82 2.06 19.18
CA LYS A 33 -40.11 2.14 17.91
C LYS A 33 -38.74 2.84 18.05
N ILE A 34 -38.64 3.86 18.93
CA ILE A 34 -37.38 4.57 19.18
C ILE A 34 -36.43 3.66 19.95
N ARG A 35 -36.94 3.03 21.04
CA ARG A 35 -36.15 2.12 21.88
C ARG A 35 -35.59 0.93 21.09
N SER A 36 -36.32 0.41 20.09
CA SER A 36 -35.86 -0.73 19.28
C SER A 36 -34.62 -0.40 18.43
N ARG A 37 -34.62 0.76 17.75
CA ARG A 37 -33.49 1.16 16.91
C ARG A 37 -32.31 1.70 17.73
N ILE A 38 -32.58 2.62 18.67
CA ILE A 38 -31.52 3.25 19.47
C ILE A 38 -30.86 2.26 20.45
N ASP A 39 -31.64 1.38 21.12
CA ASP A 39 -31.06 0.38 22.03
C ASP A 39 -30.75 -0.89 21.22
N GLY A 40 -29.63 -0.84 20.50
CA GLY A 40 -29.16 -1.92 19.65
C GLY A 40 -28.47 -1.40 18.41
N LYS A 41 -28.66 -2.08 17.26
CA LYS A 41 -28.06 -1.64 15.99
C LYS A 41 -28.79 -0.40 15.48
N VAL A 42 -28.10 0.77 15.49
CA VAL A 42 -28.70 2.03 15.04
C VAL A 42 -28.64 2.05 13.51
N TRP A 43 -27.43 2.05 12.93
CA TRP A 43 -27.23 2.03 11.47
C TRP A 43 -26.38 0.83 11.09
N GLN A 44 -26.39 0.49 9.79
CA GLN A 44 -25.55 -0.57 9.23
C GLN A 44 -24.27 0.15 8.81
N LEU A 45 -23.32 0.28 9.75
CA LEU A 45 -22.08 1.02 9.52
C LEU A 45 -21.12 0.24 8.60
N PRO A 46 -20.64 0.84 7.50
CA PRO A 46 -19.73 0.11 6.59
C PRO A 46 -18.33 -0.15 7.17
N ALA A 47 -17.63 -1.11 6.57
CA ALA A 47 -16.30 -1.51 7.02
C ALA A 47 -15.20 -0.53 6.63
N ALA A 48 -14.50 0.03 7.63
CA ALA A 48 -13.41 0.98 7.39
C ALA A 48 -12.14 0.21 7.05
N VAL A 49 -11.49 0.56 5.92
CA VAL A 49 -10.27 -0.10 5.46
C VAL A 49 -9.06 0.82 5.71
N TYR A 50 -8.21 0.43 6.67
CA TYR A 50 -7.02 1.18 7.05
C TYR A 50 -5.77 0.57 6.41
N GLY A 51 -4.70 1.35 6.39
CA GLY A 51 -3.41 0.92 5.85
C GLY A 51 -2.56 0.24 6.89
N ARG A 52 -1.24 0.21 6.67
CA ARG A 52 -0.32 -0.42 7.60
C ARG A 52 -0.10 0.45 8.85
N MET A 53 0.38 -0.19 9.92
CA MET A 53 0.67 0.44 11.21
C MET A 53 2.19 0.42 11.35
N VAL A 54 2.85 1.58 11.26
CA VAL A 54 4.31 1.65 11.32
C VAL A 54 4.80 1.95 12.74
N ASN A 55 5.52 0.99 13.36
CA ASN A 55 6.12 1.19 14.68
C ASN A 55 7.49 1.83 14.46
N LEU A 56 7.93 2.68 15.39
CA LEU A 56 9.21 3.38 15.30
C LEU A 56 10.03 3.05 16.53
N GLU A 57 11.32 2.72 16.36
CA GLU A 57 12.20 2.30 17.46
C GLU A 57 13.56 3.00 17.39
N PRO A 58 14.33 3.06 18.50
CA PRO A 58 15.69 3.63 18.44
C PRO A 58 16.60 2.85 17.48
N ASP A 59 17.55 3.54 16.84
CA ASP A 59 18.49 2.97 15.85
C ASP A 59 17.77 2.34 14.63
N MET A 60 16.58 2.87 14.28
CA MET A 60 15.81 2.41 13.13
C MET A 60 16.35 3.13 11.92
N THR A 61 16.54 2.42 10.80
CA THR A 61 17.07 3.01 9.57
C THR A 61 15.98 3.79 8.82
N ILE A 62 15.74 5.02 9.27
CA ILE A 62 14.81 5.97 8.66
C ILE A 62 15.41 7.37 8.84
N SER A 63 15.38 8.19 7.80
CA SER A 63 15.92 9.56 7.88
C SER A 63 14.81 10.53 8.30
N LYS A 64 15.20 11.79 8.50
CA LYS A 64 14.25 12.85 8.87
C LYS A 64 13.30 13.12 7.70
N ASN A 65 13.88 13.32 6.50
CA ASN A 65 13.11 13.60 5.27
C ASN A 65 12.20 12.42 4.89
N GLU A 66 12.63 11.18 5.18
CA GLU A 66 11.83 9.97 4.90
C GLU A 66 10.64 9.92 5.87
N MET A 67 10.84 10.35 7.13
CA MET A 67 9.79 10.41 8.15
C MET A 67 8.75 11.50 7.79
N VAL A 68 9.20 12.62 7.18
CA VAL A 68 8.32 13.73 6.79
C VAL A 68 7.29 13.25 5.78
N LYS A 69 7.76 12.56 4.73
CA LYS A 69 6.87 12.00 3.70
C LYS A 69 5.97 10.91 4.27
N LEU A 70 6.46 10.12 5.25
CA LEU A 70 5.62 9.09 5.91
C LEU A 70 4.48 9.76 6.64
N LEU A 71 4.78 10.83 7.40
CA LEU A 71 3.77 11.57 8.15
C LEU A 71 2.77 12.26 7.24
N GLU A 72 3.24 12.98 6.22
CA GLU A 72 2.34 13.64 5.24
C GLU A 72 1.47 12.63 4.49
N ALA A 73 1.99 11.41 4.24
CA ALA A 73 1.22 10.35 3.58
C ALA A 73 0.17 9.75 4.54
N THR A 74 0.43 9.81 5.86
CA THR A 74 -0.48 9.35 6.92
C THR A 74 -1.43 10.50 7.39
N GLN A 75 -1.65 11.53 6.54
CA GLN A 75 -2.54 12.67 6.78
C GLN A 75 -2.09 13.61 7.91
N TYR A 76 -0.77 13.82 8.07
CA TYR A 76 -0.24 14.78 9.03
C TYR A 76 0.05 16.07 8.27
N ARG A 77 0.14 17.20 8.99
CA ARG A 77 0.32 18.51 8.38
C ARG A 77 1.53 19.24 8.96
N GLN A 78 2.48 19.66 8.09
CA GLN A 78 3.67 20.41 8.53
C GLN A 78 3.21 21.82 8.88
N VAL A 79 3.46 22.25 10.14
CA VAL A 79 3.02 23.55 10.65
C VAL A 79 4.15 24.28 11.37
N SER A 80 3.92 25.58 11.67
CA SER A 80 4.87 26.42 12.40
C SER A 80 4.87 25.99 13.87
N LYS A 81 3.67 25.82 14.45
CA LYS A 81 3.48 25.35 15.83
C LYS A 81 2.32 24.35 15.89
N MET A 82 2.41 23.37 16.81
CA MET A 82 1.42 22.30 16.96
C MET A 82 0.34 22.72 17.95
N THR A 83 -0.94 22.59 17.56
CA THR A 83 -2.09 22.97 18.39
C THR A 83 -3.03 21.77 18.59
N ARG A 84 -3.54 21.22 17.47
CA ARG A 84 -4.43 20.06 17.47
C ARG A 84 -3.60 18.82 17.08
N PRO A 85 -4.11 17.59 17.25
CA PRO A 85 -3.32 16.42 16.80
C PRO A 85 -3.17 16.35 15.29
N GLY A 86 -2.41 15.36 14.82
CA GLY A 86 -2.14 15.19 13.40
C GLY A 86 -1.34 16.34 12.82
N GLU A 87 -0.40 16.88 13.61
CA GLU A 87 0.45 18.01 13.22
C GLU A 87 1.88 17.75 13.65
N PHE A 88 2.84 18.36 12.93
CA PHE A 88 4.26 18.22 13.25
C PHE A 88 5.09 19.39 12.73
N THR A 89 6.33 19.52 13.21
CA THR A 89 7.26 20.59 12.83
C THR A 89 8.65 20.00 12.60
N VAL A 90 9.35 20.45 11.54
CA VAL A 90 10.69 19.97 11.20
C VAL A 90 11.77 20.91 11.77
N GLN A 91 12.88 20.33 12.24
CA GLN A 91 14.06 21.06 12.76
C GLN A 91 15.28 20.55 12.00
N ALA A 92 16.46 21.13 12.25
CA ALA A 92 17.72 20.73 11.60
C ALA A 92 17.98 19.23 11.64
N ASN A 93 17.74 18.59 12.81
CA ASN A 93 17.98 17.15 13.00
C ASN A 93 16.90 16.47 13.86
N SER A 94 15.64 16.97 13.82
CA SER A 94 14.54 16.37 14.60
C SER A 94 13.16 16.78 14.09
N ILE A 95 12.13 15.98 14.44
CA ILE A 95 10.73 16.25 14.10
C ILE A 95 9.94 16.18 15.39
N GLU A 96 9.08 17.17 15.63
CA GLU A 96 8.20 17.21 16.78
C GLU A 96 6.81 16.99 16.26
N MET A 97 6.08 16.00 16.79
CA MET A 97 4.73 15.69 16.32
C MET A 97 3.77 15.45 17.48
N ILE A 98 2.45 15.47 17.20
CA ILE A 98 1.39 15.11 18.12
C ILE A 98 0.74 13.91 17.46
N ARG A 99 1.08 12.70 17.93
CA ARG A 99 0.56 11.47 17.35
C ARG A 99 -0.92 11.38 17.73
N ARG A 100 -1.81 11.40 16.71
CA ARG A 100 -3.26 11.40 16.94
C ARG A 100 -3.77 10.16 17.64
N PRO A 101 -4.94 10.23 18.30
CA PRO A 101 -5.46 9.02 18.96
C PRO A 101 -5.96 8.01 17.95
N PHE A 102 -5.88 6.73 18.31
CA PHE A 102 -6.35 5.66 17.44
C PHE A 102 -6.57 4.40 18.26
N ASP A 103 -7.74 3.77 18.10
CA ASP A 103 -8.03 2.53 18.80
C ASP A 103 -7.30 1.39 18.08
N PHE A 104 -6.03 1.13 18.46
CA PHE A 104 -5.23 0.06 17.84
C PHE A 104 -5.73 -1.31 18.34
N PRO A 105 -5.42 -2.43 17.65
CA PRO A 105 -5.90 -3.73 18.13
C PRO A 105 -5.23 -4.21 19.43
N ASP A 106 -3.93 -3.92 19.61
CA ASP A 106 -3.18 -4.33 20.79
C ASP A 106 -3.50 -3.48 22.02
N SER A 107 -3.70 -2.15 21.83
CA SER A 107 -4.02 -1.26 22.93
C SER A 107 -4.60 0.07 22.43
N LYS A 108 -5.63 0.60 23.12
CA LYS A 108 -6.23 1.89 22.77
C LYS A 108 -5.24 2.99 23.17
N GLU A 109 -5.15 4.07 22.40
CA GLU A 109 -4.20 5.16 22.69
C GLU A 109 -4.78 6.55 22.46
N GLY A 110 -4.34 7.49 23.29
CA GLY A 110 -4.74 8.88 23.22
C GLY A 110 -3.79 9.69 22.36
N GLN A 111 -3.77 11.02 22.58
CA GLN A 111 -2.86 11.92 21.89
C GLN A 111 -1.48 11.77 22.51
N VAL A 112 -0.39 11.85 21.72
CA VAL A 112 0.98 11.76 22.25
C VAL A 112 1.91 12.76 21.58
N ARG A 113 2.40 13.75 22.36
CA ARG A 113 3.35 14.75 21.88
C ARG A 113 4.74 14.14 22.00
N ALA A 114 5.47 13.99 20.87
CA ALA A 114 6.78 13.35 20.88
C ALA A 114 7.76 13.97 19.90
N ARG A 115 9.06 13.85 20.22
CA ARG A 115 10.13 14.32 19.34
C ARG A 115 10.92 13.15 18.82
N LEU A 116 10.97 13.02 17.51
CA LEU A 116 11.77 12.01 16.83
C LEU A 116 13.06 12.74 16.49
N THR A 117 14.22 12.25 17.00
CA THR A 117 15.53 12.88 16.80
C THR A 117 16.40 11.94 15.98
N PHE A 118 17.04 12.48 14.91
CA PHE A 118 17.88 11.74 13.97
C PHE A 118 19.35 12.11 14.11
N ASP A 119 20.24 11.11 13.89
CA ASP A 119 21.70 11.28 13.95
C ASP A 119 22.20 11.48 12.51
N GLY A 120 21.93 10.50 11.66
CA GLY A 120 22.29 10.53 10.25
C GLY A 120 21.16 9.92 9.45
N ASP A 121 21.35 8.65 9.02
CA ASP A 121 20.32 7.89 8.30
C ASP A 121 19.63 6.91 9.28
N HIS A 122 19.35 7.38 10.50
CA HIS A 122 18.67 6.57 11.49
C HIS A 122 17.99 7.40 12.55
N LEU A 123 16.91 6.85 13.11
CA LEU A 123 16.13 7.48 14.19
C LEU A 123 16.80 7.13 15.51
N ALA A 124 17.52 8.10 16.11
CA ALA A 124 18.25 7.87 17.36
C ALA A 124 17.32 7.71 18.55
N THR A 125 16.47 8.72 18.82
CA THR A 125 15.53 8.69 19.95
C THR A 125 14.12 9.08 19.55
N ILE A 126 13.19 8.76 20.45
CA ILE A 126 11.78 9.11 20.39
C ILE A 126 11.47 9.48 21.85
N VAL A 127 11.31 10.78 22.16
CA VAL A 127 11.09 11.23 23.53
C VAL A 127 9.72 11.88 23.70
N ASN A 128 8.93 11.41 24.70
CA ASN A 128 7.64 12.00 25.06
C ASN A 128 7.91 13.38 25.64
N MET A 129 7.30 14.41 25.07
CA MET A 129 7.54 15.78 25.45
C MET A 129 6.88 16.18 26.78
N GLU A 130 5.87 15.43 27.22
CA GLU A 130 5.19 15.70 28.50
C GLU A 130 6.04 15.26 29.70
N ASN A 131 6.85 14.19 29.55
CA ASN A 131 7.72 13.69 30.62
C ASN A 131 9.23 13.74 30.34
N ASN A 132 9.66 14.08 29.10
CA ASN A 132 11.06 14.11 28.68
C ASN A 132 11.76 12.76 28.94
N ARG A 133 11.12 11.66 28.47
CA ARG A 133 11.58 10.27 28.65
C ARG A 133 11.41 9.50 27.34
N GLN A 134 12.38 8.62 27.03
CA GLN A 134 12.38 7.85 25.79
C GLN A 134 11.26 6.80 25.70
N PHE A 135 10.98 6.34 24.48
CA PHE A 135 10.03 5.28 24.17
C PHE A 135 10.84 4.14 23.56
N GLY A 136 10.59 2.90 23.99
CA GLY A 136 11.25 1.73 23.42
C GLY A 136 10.75 1.52 22.00
N PHE A 137 9.44 1.67 21.81
CA PHE A 137 8.81 1.65 20.49
C PHE A 137 7.66 2.66 20.51
N PHE A 138 7.38 3.28 19.36
CA PHE A 138 6.32 4.28 19.21
C PHE A 138 5.43 3.93 18.03
N ARG A 139 4.12 3.80 18.29
CA ARG A 139 3.15 3.44 17.26
C ARG A 139 2.73 4.63 16.42
N LEU A 140 2.48 4.39 15.12
CA LEU A 140 1.96 5.39 14.19
C LEU A 140 0.61 4.90 13.69
N ASP A 141 -0.43 5.74 13.81
CA ASP A 141 -1.79 5.41 13.39
C ASP A 141 -1.84 5.04 11.90
N PRO A 142 -2.72 4.11 11.48
CA PRO A 142 -2.77 3.75 10.06
C PRO A 142 -3.69 4.68 9.28
N ARG A 143 -3.36 4.95 8.01
CA ARG A 143 -4.17 5.84 7.18
C ARG A 143 -5.48 5.15 6.81
N LEU A 144 -6.62 5.87 6.92
CA LEU A 144 -7.92 5.33 6.50
C LEU A 144 -7.93 5.47 4.98
N ILE A 145 -7.92 4.34 4.27
CA ILE A 145 -7.88 4.35 2.80
C ILE A 145 -9.27 4.61 2.26
N THR A 146 -10.23 3.72 2.58
CA THR A 146 -11.60 3.84 2.08
C THR A 146 -12.62 3.06 2.92
N MET A 147 -13.90 3.14 2.52
CA MET A 147 -15.02 2.45 3.15
C MET A 147 -15.57 1.45 2.13
N ILE A 148 -15.96 0.24 2.57
CA ILE A 148 -16.51 -0.78 1.68
C ILE A 148 -17.99 -0.45 1.39
N SER A 149 -18.32 -0.23 0.09
CA SER A 149 -19.67 0.08 -0.42
C SER A 149 -20.78 -0.76 0.23
N SER A 150 -21.85 -0.07 0.71
CA SER A 150 -22.99 -0.71 1.38
C SER A 150 -24.16 -0.88 0.37
N PRO A 151 -25.15 -1.76 0.63
CA PRO A 151 -26.27 -1.90 -0.32
C PRO A 151 -27.21 -0.69 -0.35
N ASN A 152 -27.61 -0.19 0.84
CA ASN A 152 -28.51 0.96 1.00
C ASN A 152 -27.93 2.25 0.40
N GLY A 153 -26.62 2.43 0.52
CA GLY A 153 -25.92 3.60 0.02
C GLY A 153 -25.90 4.75 1.01
N GLU A 154 -25.74 4.44 2.31
CA GLU A 154 -25.67 5.41 3.40
C GLU A 154 -24.32 5.22 4.09
N GLN A 155 -23.28 5.86 3.53
CA GLN A 155 -21.91 5.73 4.03
C GLN A 155 -21.67 6.66 5.23
N ARG A 156 -21.22 6.09 6.36
CA ARG A 156 -20.93 6.82 7.61
C ARG A 156 -19.68 6.28 8.29
N LEU A 157 -19.19 7.04 9.27
CA LEU A 157 -18.05 6.70 10.12
C LEU A 157 -18.46 7.09 11.55
N PHE A 158 -18.69 6.10 12.42
CA PHE A 158 -19.15 6.36 13.79
C PHE A 158 -18.04 6.93 14.68
N VAL A 159 -18.36 8.02 15.39
CA VAL A 159 -17.47 8.69 16.34
C VAL A 159 -18.31 9.01 17.57
N PRO A 160 -18.03 8.45 18.77
CA PRO A 160 -18.85 8.81 19.94
C PRO A 160 -18.64 10.27 20.38
N ARG A 161 -19.45 10.73 21.35
CA ARG A 161 -19.39 12.12 21.85
C ARG A 161 -17.98 12.61 22.20
N SER A 162 -17.14 11.73 22.75
CA SER A 162 -15.76 12.04 23.16
C SER A 162 -14.87 12.57 22.02
N GLY A 163 -15.08 12.08 20.80
CA GLY A 163 -14.28 12.44 19.63
C GLY A 163 -14.55 13.78 18.98
N PHE A 164 -15.72 14.40 19.23
CA PHE A 164 -16.05 15.69 18.62
C PHE A 164 -15.49 16.84 19.45
N PRO A 165 -14.82 17.85 18.86
CA PRO A 165 -14.35 18.99 19.67
C PRO A 165 -15.51 19.81 20.24
N ASP A 166 -15.31 20.43 21.41
CA ASP A 166 -16.36 21.22 22.05
C ASP A 166 -16.71 22.50 21.26
N LEU A 167 -15.76 23.03 20.46
CA LEU A 167 -16.03 24.21 19.63
C LEU A 167 -16.93 23.87 18.45
N LEU A 168 -16.82 22.64 17.90
CA LEU A 168 -17.69 22.18 16.82
C LEU A 168 -19.12 22.02 17.35
N VAL A 169 -19.26 21.57 18.62
CA VAL A 169 -20.56 21.41 19.28
C VAL A 169 -21.17 22.79 19.55
N ASP A 170 -20.34 23.77 19.96
CA ASP A 170 -20.81 25.15 20.21
C ASP A 170 -21.22 25.81 18.89
N THR A 171 -20.48 25.56 17.79
CA THR A 171 -20.80 26.10 16.47
C THR A 171 -22.12 25.52 15.94
N LEU A 172 -22.42 24.24 16.27
CA LEU A 172 -23.66 23.59 15.85
C LEU A 172 -24.85 24.16 16.63
N LEU A 173 -24.83 24.03 17.96
CA LEU A 173 -25.92 24.51 18.83
C LEU A 173 -26.25 26.00 18.65
N ALA A 174 -25.23 26.84 18.37
CA ALA A 174 -25.42 28.28 18.15
C ALA A 174 -26.26 28.58 16.89
N THR A 175 -26.18 27.71 15.86
CA THR A 175 -26.90 27.90 14.60
C THR A 175 -28.16 27.02 14.45
N GLU A 176 -28.55 26.23 15.48
CA GLU A 176 -29.73 25.36 15.39
C GLU A 176 -30.70 25.50 16.58
N ASP A 177 -30.31 25.01 17.78
CA ASP A 177 -31.17 25.03 18.97
C ASP A 177 -30.83 26.18 19.92
N ARG A 178 -29.61 26.16 20.48
CA ARG A 178 -29.11 27.17 21.44
C ARG A 178 -29.92 27.14 22.75
N HIS A 179 -29.72 26.08 23.56
CA HIS A 179 -30.40 25.90 24.85
C HIS A 179 -29.84 26.84 25.90
N THR A 212 -31.58 18.36 17.55
CA THR A 212 -32.49 17.41 18.18
C THR A 212 -33.82 17.34 17.44
N GLN A 213 -34.37 18.49 17.01
CA GLN A 213 -35.64 18.51 16.26
C GLN A 213 -35.49 17.97 14.82
N GLN A 214 -34.29 18.12 14.19
CA GLN A 214 -34.03 17.61 12.83
C GLN A 214 -33.41 16.20 12.88
N LEU A 215 -33.13 15.66 14.09
CA LEU A 215 -32.58 14.31 14.27
C LEU A 215 -33.68 13.31 13.95
N VAL A 216 -34.86 13.51 14.56
CA VAL A 216 -36.04 12.67 14.35
C VAL A 216 -36.57 12.71 12.90
N LYS A 217 -36.32 13.82 12.19
CA LYS A 217 -36.73 13.99 10.79
C LYS A 217 -35.98 13.00 9.88
N ASN A 218 -34.65 12.98 9.98
CA ASN A 218 -33.81 12.09 9.17
C ASN A 218 -33.78 10.63 9.69
N LEU A 219 -34.29 10.36 10.91
CA LEU A 219 -34.29 9.00 11.47
C LEU A 219 -35.28 8.06 10.77
N PHE A 220 -36.60 8.25 11.00
CA PHE A 220 -37.65 7.37 10.46
C PHE A 220 -38.66 8.04 9.51
N LEU A 221 -38.63 9.39 9.35
CA LEU A 221 -39.61 10.09 8.50
C LEU A 221 -39.13 10.28 7.07
N SER A 222 -40.06 10.70 6.19
CA SER A 222 -39.82 10.97 4.76
C SER A 222 -40.48 12.30 4.38
N SER A 223 -40.59 12.60 3.06
CA SER A 223 -41.20 13.83 2.56
C SER A 223 -42.58 13.55 1.99
N TYR A 227 -46.97 18.19 5.53
CA TYR A 227 -47.30 19.14 6.58
C TYR A 227 -48.02 18.50 7.78
N TRP A 228 -48.78 17.40 7.56
CA TRP A 228 -49.52 16.75 8.65
C TRP A 228 -48.65 16.03 9.68
N ARG A 229 -47.54 15.39 9.26
CA ARG A 229 -46.66 14.66 10.19
C ARG A 229 -45.56 15.54 10.85
N LYS A 230 -45.78 16.87 10.93
CA LYS A 230 -44.88 17.77 11.68
C LYS A 230 -45.21 17.60 13.16
N ALA A 231 -46.49 17.27 13.49
CA ALA A 231 -46.93 16.99 14.86
C ALA A 231 -46.32 15.68 15.34
N ASN A 232 -46.15 14.70 14.42
CA ASN A 232 -45.51 13.40 14.72
C ASN A 232 -44.03 13.64 15.01
N GLU A 233 -43.37 14.53 14.23
CA GLU A 233 -41.97 14.91 14.42
C GLU A 233 -41.82 15.62 15.78
N ALA A 234 -42.78 16.48 16.14
CA ALA A 234 -42.76 17.20 17.42
C ALA A 234 -43.01 16.28 18.62
N TYR A 235 -43.86 15.23 18.45
CA TYR A 235 -44.19 14.32 19.55
C TYR A 235 -43.04 13.35 19.82
N MET A 236 -42.50 12.70 18.77
CA MET A 236 -41.37 11.77 18.92
C MET A 236 -40.05 12.46 19.33
N ALA A 237 -39.92 13.78 19.08
CA ALA A 237 -38.73 14.54 19.50
C ALA A 237 -38.74 14.73 21.02
N LEU A 238 -39.89 15.11 21.59
CA LEU A 238 -40.03 15.31 23.03
C LEU A 238 -40.05 13.98 23.81
N ILE A 239 -40.43 12.85 23.16
CA ILE A 239 -40.45 11.53 23.81
C ILE A 239 -39.02 11.08 24.11
N MET A 240 -38.12 11.12 23.10
CA MET A 240 -36.73 10.70 23.28
C MET A 240 -35.90 11.72 24.07
N ASP A 241 -36.08 13.04 23.80
CA ASP A 241 -35.35 14.12 24.52
C ASP A 241 -35.45 13.96 26.04
N ALA A 242 -36.63 13.56 26.54
CA ALA A 242 -36.86 13.33 27.98
C ALA A 242 -36.29 11.98 28.42
N ARG A 243 -36.43 10.92 27.58
CA ARG A 243 -35.96 9.56 27.90
C ARG A 243 -34.53 9.23 27.40
N TYR A 244 -33.70 10.24 27.05
CA TYR A 244 -32.29 10.03 26.65
C TYR A 244 -31.39 11.14 27.20
N SER A 245 -30.08 10.86 27.24
CA SER A 245 -29.09 11.79 27.77
C SER A 245 -28.86 13.00 26.87
N LYS A 246 -28.43 14.13 27.47
CA LYS A 246 -28.13 15.37 26.76
C LYS A 246 -26.93 15.23 25.80
N ASP A 247 -25.96 14.34 26.13
CA ASP A 247 -24.77 14.09 25.33
C ASP A 247 -25.05 13.15 24.15
N ARG A 248 -25.89 12.11 24.38
CA ARG A 248 -26.26 11.11 23.36
C ARG A 248 -27.00 11.71 22.17
N ILE A 249 -27.80 12.77 22.39
CA ILE A 249 -28.57 13.43 21.32
C ILE A 249 -27.62 14.11 20.31
N LEU A 250 -26.50 14.68 20.78
CA LEU A 250 -25.50 15.30 19.89
C LEU A 250 -24.71 14.24 19.11
N GLU A 251 -24.44 13.07 19.74
CA GLU A 251 -23.70 11.97 19.14
C GLU A 251 -24.44 11.38 17.93
N LEU A 252 -25.71 11.04 18.10
CA LEU A 252 -26.54 10.47 17.02
C LEU A 252 -26.77 11.48 15.90
N TYR A 253 -26.92 12.78 16.24
CA TYR A 253 -27.13 13.85 15.27
C TYR A 253 -25.90 14.09 14.41
N MET A 254 -24.73 14.23 15.03
CA MET A 254 -23.49 14.51 14.32
C MET A 254 -23.00 13.36 13.40
N ASN A 255 -23.53 12.14 13.59
CA ASN A 255 -23.20 10.98 12.73
C ASN A 255 -24.28 10.75 11.64
N GLU A 256 -25.50 11.32 11.81
CA GLU A 256 -26.63 11.14 10.89
C GLU A 256 -26.80 12.24 9.82
N VAL A 257 -26.51 13.52 10.16
CA VAL A 257 -26.70 14.66 9.22
C VAL A 257 -26.06 14.44 7.84
N TYR A 258 -26.83 14.79 6.77
CA TYR A 258 -26.39 14.68 5.38
C TYR A 258 -25.50 15.87 5.01
N LEU A 259 -24.27 15.61 4.54
CA LEU A 259 -23.31 16.65 4.14
C LEU A 259 -22.75 16.54 2.71
N GLY A 260 -23.06 15.47 1.96
CA GLY A 260 -22.55 15.33 0.61
C GLY A 260 -22.91 14.05 -0.12
N GLN A 261 -22.42 13.94 -1.38
CA GLN A 261 -22.64 12.78 -2.26
C GLN A 261 -21.33 12.41 -2.96
N SER A 262 -21.12 11.11 -3.22
CA SER A 262 -19.93 10.60 -3.90
C SER A 262 -20.35 9.51 -4.89
N GLY A 263 -20.94 9.95 -6.00
CA GLY A 263 -21.44 9.08 -7.06
C GLY A 263 -22.88 8.70 -6.82
N ASP A 264 -23.12 7.45 -6.35
CA ASP A 264 -24.46 6.93 -6.06
C ASP A 264 -24.58 6.46 -4.59
N ASN A 265 -23.71 7.00 -3.69
CA ASN A 265 -23.71 6.68 -2.25
C ASN A 265 -23.72 7.98 -1.44
N GLU A 266 -24.56 8.04 -0.39
CA GLU A 266 -24.73 9.21 0.47
C GLU A 266 -23.65 9.28 1.55
N ILE A 267 -22.74 10.28 1.46
CA ILE A 267 -21.72 10.51 2.49
C ILE A 267 -22.38 11.42 3.52
N ARG A 268 -22.66 10.87 4.73
CA ARG A 268 -23.33 11.60 5.79
C ARG A 268 -22.66 11.40 7.15
N GLY A 269 -22.71 12.44 7.98
CA GLY A 269 -22.10 12.48 9.30
C GLY A 269 -20.83 13.32 9.26
N PHE A 270 -20.56 14.07 10.33
CA PHE A 270 -19.37 14.94 10.41
C PHE A 270 -18.03 14.18 10.25
N PRO A 271 -17.84 12.98 10.86
CA PRO A 271 -16.55 12.27 10.72
C PRO A 271 -16.14 11.88 9.30
N LEU A 272 -17.00 11.19 8.55
CA LEU A 272 -16.69 10.77 7.17
C LEU A 272 -16.64 11.97 6.23
N ALA A 273 -17.41 13.04 6.53
CA ALA A 273 -17.42 14.26 5.72
C ALA A 273 -16.10 15.04 5.86
N SER A 274 -15.54 15.09 7.09
CA SER A 274 -14.27 15.79 7.36
C SER A 274 -13.13 15.21 6.50
N LEU A 275 -13.00 13.89 6.48
CA LEU A 275 -11.98 13.18 5.70
C LEU A 275 -12.24 13.31 4.19
N TYR A 276 -13.51 13.37 3.78
CA TYR A 276 -13.89 13.51 2.37
C TYR A 276 -13.61 14.93 1.87
N TYR A 277 -14.12 15.95 2.58
CA TYR A 277 -13.97 17.36 2.17
C TYR A 277 -12.63 18.02 2.50
N PHE A 278 -11.94 17.63 3.59
CA PHE A 278 -10.69 18.27 4.00
C PHE A 278 -9.44 17.38 4.14
N GLY A 279 -9.61 16.06 4.19
CA GLY A 279 -8.49 15.13 4.33
C GLY A 279 -7.93 15.08 5.75
N ARG A 280 -8.81 15.21 6.75
CA ARG A 280 -8.44 15.16 8.17
C ARG A 280 -9.65 14.76 9.02
N PRO A 281 -9.49 14.15 10.22
CA PRO A 281 -10.68 13.77 11.00
C PRO A 281 -11.41 14.95 11.64
N VAL A 282 -12.62 14.68 12.16
CA VAL A 282 -13.47 15.69 12.83
C VAL A 282 -12.76 16.38 14.01
N GLU A 283 -11.93 15.63 14.77
CA GLU A 283 -11.17 16.14 15.92
C GLU A 283 -10.22 17.30 15.56
N GLU A 284 -9.61 17.26 14.37
CA GLU A 284 -8.60 18.22 13.93
C GLU A 284 -9.13 19.32 12.98
N LEU A 285 -10.43 19.64 13.03
CA LEU A 285 -11.00 20.68 12.17
C LEU A 285 -10.69 22.06 12.72
N SER A 286 -10.20 22.97 11.87
CA SER A 286 -9.97 24.37 12.27
C SER A 286 -11.34 25.04 12.30
N LEU A 287 -11.53 26.06 13.15
CA LEU A 287 -12.84 26.74 13.28
C LEU A 287 -13.43 27.18 11.93
N ASP A 288 -12.58 27.59 10.97
CA ASP A 288 -13.04 27.94 9.62
C ASP A 288 -13.59 26.71 8.88
N GLN A 289 -12.93 25.54 9.03
CA GLN A 289 -13.39 24.28 8.44
C GLN A 289 -14.65 23.76 9.16
N GLN A 290 -14.78 24.01 10.48
CA GLN A 290 -15.95 23.61 11.26
C GLN A 290 -17.18 24.42 10.82
N ALA A 291 -17.00 25.73 10.59
CA ALA A 291 -18.08 26.64 10.17
C ALA A 291 -18.76 26.19 8.87
N LEU A 292 -17.97 25.78 7.86
CA LEU A 292 -18.51 25.31 6.59
C LEU A 292 -19.18 23.95 6.76
N LEU A 293 -18.51 23.02 7.49
CA LEU A 293 -19.06 21.68 7.72
C LEU A 293 -20.38 21.75 8.50
N VAL A 294 -20.52 22.76 9.39
CA VAL A 294 -21.76 23.02 10.12
C VAL A 294 -22.76 23.72 9.17
N GLY A 295 -22.26 24.64 8.34
CA GLY A 295 -23.07 25.37 7.36
C GLY A 295 -23.68 24.50 6.27
N MET A 296 -22.99 23.41 5.86
CA MET A 296 -23.48 22.47 4.84
C MET A 296 -24.65 21.58 5.34
N VAL A 297 -24.99 21.62 6.65
CA VAL A 297 -26.10 20.82 7.19
C VAL A 297 -27.47 21.21 6.58
N LYS A 298 -27.66 22.49 6.21
CA LYS A 298 -28.92 23.00 5.65
C LYS A 298 -29.01 22.81 4.13
N GLY A 299 -27.88 22.90 3.42
CA GLY A 299 -27.83 22.77 1.97
C GLY A 299 -26.57 22.08 1.47
N ALA A 300 -26.47 20.77 1.73
CA ALA A 300 -25.32 19.93 1.35
C ALA A 300 -24.94 20.03 -0.13
N SER A 301 -25.92 19.81 -1.01
CA SER A 301 -25.71 19.84 -2.47
C SER A 301 -25.49 21.25 -3.02
N ILE A 302 -26.26 22.25 -2.53
CA ILE A 302 -26.15 23.64 -3.01
C ILE A 302 -24.87 24.33 -2.53
N TYR A 303 -24.33 23.95 -1.34
CA TYR A 303 -23.09 24.53 -0.81
C TYR A 303 -21.89 23.55 -0.97
N ASN A 304 -21.87 22.79 -2.09
CA ASN A 304 -20.81 21.83 -2.41
C ASN A 304 -19.61 22.60 -3.01
N PRO A 305 -18.35 22.44 -2.53
CA PRO A 305 -17.24 23.20 -3.15
C PRO A 305 -16.75 22.71 -4.51
N TRP A 306 -17.21 21.53 -4.99
CA TRP A 306 -16.77 21.00 -6.30
C TRP A 306 -17.69 21.50 -7.41
N ARG A 307 -19.03 21.41 -7.21
CA ARG A 307 -20.01 21.85 -8.20
C ARG A 307 -20.08 23.38 -8.32
N ASN A 308 -20.03 24.10 -7.18
CA ASN A 308 -20.08 25.57 -7.16
C ASN A 308 -19.21 26.13 -6.02
N PRO A 309 -17.92 26.46 -6.28
CA PRO A 309 -17.06 26.98 -5.21
C PRO A 309 -17.43 28.36 -4.67
N LYS A 310 -17.86 29.29 -5.55
CA LYS A 310 -18.24 30.66 -5.16
C LYS A 310 -19.43 30.69 -4.19
N LEU A 311 -20.46 29.86 -4.44
CA LEU A 311 -21.65 29.79 -3.58
C LEU A 311 -21.33 29.17 -2.21
N ALA A 312 -20.47 28.14 -2.18
CA ALA A 312 -20.06 27.48 -0.94
C ALA A 312 -19.13 28.36 -0.07
N LEU A 313 -18.39 29.31 -0.68
CA LEU A 313 -17.48 30.20 0.05
C LEU A 313 -18.24 31.22 0.92
N GLU A 314 -19.41 31.69 0.44
CA GLU A 314 -20.25 32.67 1.15
C GLU A 314 -20.90 32.07 2.41
N ARG A 315 -21.22 30.76 2.40
CA ARG A 315 -21.87 30.11 3.55
C ARG A 315 -20.95 30.06 4.78
N ARG A 316 -19.66 29.76 4.59
CA ARG A 316 -18.67 29.70 5.66
C ARG A 316 -18.54 31.05 6.36
N ASN A 317 -18.51 32.16 5.60
CA ASN A 317 -18.42 33.51 6.15
C ASN A 317 -19.72 33.90 6.89
N LEU A 318 -20.88 33.40 6.41
CA LEU A 318 -22.18 33.66 7.04
C LEU A 318 -22.25 32.95 8.39
N VAL A 319 -21.81 31.68 8.46
CA VAL A 319 -21.79 30.91 9.70
C VAL A 319 -20.75 31.50 10.68
N LEU A 320 -19.61 32.00 10.15
CA LEU A 320 -18.58 32.64 11.00
C LEU A 320 -19.14 33.93 11.65
N ARG A 321 -20.08 34.63 10.97
CA ARG A 321 -20.73 35.84 11.52
C ARG A 321 -21.72 35.47 12.63
N LEU A 322 -22.49 34.36 12.47
CA LEU A 322 -23.47 33.90 13.48
C LEU A 322 -22.79 33.64 14.84
N LEU A 323 -21.56 33.12 14.81
CA LEU A 323 -20.75 32.85 16.02
C LEU A 323 -19.93 34.06 16.45
N GLN A 324 -19.48 34.92 15.50
CA GLN A 324 -18.73 36.14 15.85
C GLN A 324 -19.66 37.19 16.50
N GLN A 325 -20.95 37.21 16.11
CA GLN A 325 -21.94 38.12 16.71
C GLN A 325 -22.20 37.68 18.17
N GLN A 326 -22.31 36.36 18.40
CA GLN A 326 -22.50 35.79 19.74
C GLN A 326 -21.18 35.81 20.54
N GLN A 327 -21.23 35.40 21.82
CA GLN A 327 -20.07 35.41 22.72
C GLN A 327 -18.85 34.61 22.22
N ILE A 328 -18.99 33.29 22.03
CA ILE A 328 -17.93 32.34 21.62
C ILE A 328 -16.76 32.95 20.78
N ILE A 329 -17.04 33.86 19.80
CA ILE A 329 -15.98 34.52 19.00
C ILE A 329 -16.17 36.04 18.95
N ASP A 330 -15.05 36.78 18.74
CA ASP A 330 -15.01 38.24 18.60
C ASP A 330 -14.38 38.63 17.24
N GLN A 331 -14.36 39.94 16.90
CA GLN A 331 -13.81 40.42 15.62
C GLN A 331 -12.27 40.39 15.50
N GLU A 332 -11.54 40.08 16.60
CA GLU A 332 -10.06 40.00 16.59
C GLU A 332 -9.50 38.98 15.58
N LEU A 333 -10.28 37.93 15.21
CA LEU A 333 -9.83 36.88 14.29
C LEU A 333 -10.76 36.68 13.06
N TYR A 334 -11.77 37.54 12.83
CA TYR A 334 -12.66 37.40 11.68
C TYR A 334 -11.88 37.57 10.37
N ASP A 335 -10.95 38.55 10.32
CA ASP A 335 -10.10 38.80 9.15
C ASP A 335 -9.21 37.59 8.79
N MET A 336 -8.76 36.81 9.79
CA MET A 336 -7.93 35.62 9.58
C MET A 336 -8.79 34.50 8.98
N LEU A 337 -9.89 34.14 9.66
CA LEU A 337 -10.76 33.05 9.22
C LEU A 337 -11.55 33.36 7.94
N SER A 338 -11.88 34.64 7.68
CA SER A 338 -12.61 35.02 6.46
C SER A 338 -11.69 34.96 5.23
N ALA A 339 -10.35 35.08 5.42
CA ALA A 339 -9.38 35.02 4.33
C ALA A 339 -9.04 33.58 3.92
N ARG A 340 -8.98 32.64 4.90
CA ARG A 340 -8.63 31.22 4.68
C ARG A 340 -9.53 30.54 3.64
N PRO A 341 -9.07 30.23 2.40
CA PRO A 341 -9.97 29.57 1.43
C PRO A 341 -10.12 28.07 1.66
N LEU A 342 -11.28 27.66 2.22
CA LEU A 342 -11.63 26.26 2.50
C LEU A 342 -10.64 25.59 3.45
N GLN A 345 -6.16 21.99 0.02
CA GLN A 345 -7.22 21.04 0.41
C GLN A 345 -7.49 20.01 -0.72
N PRO A 346 -8.29 18.96 -0.48
CA PRO A 346 -8.55 17.96 -1.55
C PRO A 346 -9.09 18.54 -2.86
N ARG A 347 -8.68 17.97 -4.00
CA ARG A 347 -9.07 18.45 -5.34
C ARG A 347 -10.07 17.48 -6.02
N GLY A 348 -11.35 17.86 -6.01
CA GLY A 348 -12.42 17.11 -6.64
C GLY A 348 -12.86 15.81 -5.98
N GLY A 349 -12.65 15.69 -4.66
CA GLY A 349 -13.05 14.51 -3.89
C GLY A 349 -12.53 13.18 -4.40
N VAL A 350 -13.25 12.08 -4.12
CA VAL A 350 -12.87 10.73 -4.57
C VAL A 350 -14.07 9.75 -4.54
N ILE A 351 -14.28 8.99 -5.64
CA ILE A 351 -15.35 7.98 -5.75
C ILE A 351 -14.83 6.60 -5.35
N SER A 352 -13.64 6.21 -5.84
CA SER A 352 -13.04 4.91 -5.57
C SER A 352 -11.52 5.06 -5.38
N PRO A 353 -11.03 5.33 -4.15
CA PRO A 353 -9.58 5.43 -3.95
C PRO A 353 -8.94 4.03 -3.93
N GLN A 354 -7.75 3.91 -4.55
CA GLN A 354 -7.00 2.65 -4.63
C GLN A 354 -7.84 1.49 -5.20
N PRO A 355 -8.30 1.56 -6.45
CA PRO A 355 -9.10 0.45 -7.00
C PRO A 355 -8.30 -0.86 -7.16
N ALA A 356 -7.04 -0.76 -7.62
CA ALA A 356 -6.16 -1.92 -7.83
C ALA A 356 -5.88 -2.70 -6.55
N PHE A 357 -5.40 -2.01 -5.50
CA PHE A 357 -5.11 -2.68 -4.22
C PHE A 357 -6.37 -3.24 -3.57
N MET A 358 -7.52 -2.54 -3.70
CA MET A 358 -8.78 -3.01 -3.11
C MET A 358 -9.33 -4.29 -3.76
N GLN A 359 -8.93 -4.62 -5.00
CA GLN A 359 -9.35 -5.88 -5.65
C GLN A 359 -8.77 -7.06 -4.87
N LEU A 360 -7.49 -6.97 -4.50
CA LEU A 360 -6.80 -8.00 -3.71
C LEU A 360 -7.37 -8.10 -2.29
N VAL A 361 -7.73 -6.95 -1.67
CA VAL A 361 -8.32 -6.90 -0.33
C VAL A 361 -9.71 -7.55 -0.35
N ARG A 362 -10.53 -7.18 -1.36
CA ARG A 362 -11.88 -7.74 -1.51
C ARG A 362 -11.84 -9.25 -1.80
N GLN A 363 -10.93 -9.69 -2.70
CA GLN A 363 -10.75 -11.12 -3.02
C GLN A 363 -10.39 -11.91 -1.77
N GLU A 364 -9.37 -11.43 -1.04
CA GLU A 364 -8.88 -12.09 0.16
C GLU A 364 -9.88 -12.11 1.32
N LEU A 365 -10.80 -11.12 1.42
CA LEU A 365 -11.76 -11.08 2.53
C LEU A 365 -12.73 -12.27 2.54
N GLN A 366 -13.52 -12.47 1.47
CA GLN A 366 -14.45 -13.60 1.43
C GLN A 366 -13.73 -14.96 1.25
N ALA A 367 -12.48 -14.96 0.75
CA ALA A 367 -11.69 -16.18 0.60
C ALA A 367 -11.16 -16.68 1.97
N LYS A 368 -11.08 -15.81 2.99
CA LYS A 368 -10.60 -16.13 4.33
C LYS A 368 -11.73 -16.20 5.37
N LEU A 369 -12.65 -15.21 5.33
CA LEU A 369 -13.78 -15.10 6.29
C LEU A 369 -15.14 -15.56 5.75
N GLY A 370 -15.26 -15.74 4.43
CA GLY A 370 -16.52 -16.09 3.80
C GLY A 370 -17.31 -14.83 3.48
N ASP A 371 -18.32 -14.95 2.59
CA ASP A 371 -19.16 -13.80 2.23
C ASP A 371 -20.06 -13.39 3.42
N LYS A 372 -20.22 -14.28 4.43
CA LYS A 372 -20.97 -14.00 5.66
C LYS A 372 -20.13 -13.05 6.53
N VAL A 373 -20.09 -11.77 6.12
CA VAL A 373 -19.29 -10.72 6.76
C VAL A 373 -19.87 -9.30 6.55
N LYS A 374 -20.38 -8.97 5.33
CA LYS A 374 -21.01 -7.68 5.05
C LYS A 374 -22.24 -7.42 5.96
N ASP A 375 -22.89 -8.49 6.48
CA ASP A 375 -24.02 -8.36 7.41
C ASP A 375 -23.60 -7.69 8.73
N LEU A 376 -22.32 -7.86 9.15
CA LEU A 376 -21.79 -7.28 10.39
C LEU A 376 -21.58 -5.76 10.22
N SER A 377 -21.93 -4.98 11.26
CA SER A 377 -21.81 -3.52 11.26
C SER A 377 -20.56 -3.08 12.03
N GLY A 378 -19.92 -2.02 11.56
CA GLY A 378 -18.74 -1.43 12.18
C GLY A 378 -17.51 -2.30 12.20
N VAL A 379 -17.20 -2.94 11.06
CA VAL A 379 -16.03 -3.81 10.94
C VAL A 379 -14.78 -2.93 10.68
N LYS A 380 -13.62 -3.37 11.17
CA LYS A 380 -12.34 -2.68 11.03
C LYS A 380 -11.39 -3.61 10.29
N ILE A 381 -11.00 -3.25 9.05
CA ILE A 381 -10.10 -4.06 8.22
C ILE A 381 -8.72 -3.38 8.21
N PHE A 382 -7.70 -4.07 8.73
CA PHE A 382 -6.33 -3.58 8.79
C PHE A 382 -5.49 -4.23 7.71
N THR A 383 -5.16 -3.48 6.66
CA THR A 383 -4.39 -3.98 5.52
C THR A 383 -2.89 -3.67 5.63
N THR A 384 -2.10 -4.30 4.76
CA THR A 384 -0.65 -4.15 4.70
C THR A 384 -0.22 -2.98 3.78
N PHE A 385 -1.17 -2.25 3.19
CA PHE A 385 -0.94 -1.13 2.29
C PHE A 385 0.05 -0.10 2.83
N ASP A 386 1.03 0.29 1.99
CA ASP A 386 2.05 1.28 2.31
C ASP A 386 1.75 2.49 1.44
N SER A 387 1.47 3.64 2.06
CA SER A 387 1.16 4.88 1.35
C SER A 387 2.40 5.51 0.71
N VAL A 388 3.59 5.36 1.34
CA VAL A 388 4.82 5.92 0.77
C VAL A 388 5.17 5.21 -0.54
N ALA A 389 5.13 3.87 -0.54
CA ALA A 389 5.43 3.05 -1.72
C ALA A 389 4.38 3.19 -2.82
N GLN A 390 3.09 3.19 -2.46
CA GLN A 390 2.01 3.35 -3.45
C GLN A 390 2.16 4.71 -4.15
N ASP A 391 2.36 5.80 -3.38
CA ASP A 391 2.55 7.16 -3.92
C ASP A 391 3.79 7.22 -4.82
N ALA A 392 4.85 6.48 -4.44
CA ALA A 392 6.09 6.40 -5.22
C ALA A 392 5.88 5.62 -6.52
N ALA A 393 5.10 4.52 -6.46
CA ALA A 393 4.81 3.70 -7.64
C ALA A 393 3.86 4.40 -8.60
N GLU A 394 2.78 5.05 -8.09
CA GLU A 394 1.81 5.76 -8.93
C GLU A 394 2.46 6.89 -9.74
N LYS A 395 3.40 7.66 -9.13
CA LYS A 395 4.13 8.71 -9.83
C LYS A 395 5.03 8.09 -10.90
N ALA A 396 5.76 7.02 -10.54
CA ALA A 396 6.65 6.31 -11.47
C ALA A 396 5.89 5.77 -12.69
N ALA A 397 4.60 5.38 -12.52
CA ALA A 397 3.76 4.90 -13.62
C ALA A 397 3.14 6.07 -14.40
N VAL A 398 2.68 7.12 -13.68
CA VAL A 398 2.07 8.31 -14.30
C VAL A 398 3.10 9.11 -15.11
N GLU A 399 4.30 9.32 -14.55
CA GLU A 399 5.38 10.08 -15.20
C GLU A 399 6.22 9.24 -16.17
N GLY A 400 6.48 7.98 -15.82
CA GLY A 400 7.33 7.09 -16.60
C GLY A 400 6.77 6.62 -17.94
N ILE A 401 5.45 6.41 -18.05
CA ILE A 401 4.82 5.98 -19.31
C ILE A 401 4.95 7.05 -20.42
N PRO A 402 4.46 8.30 -20.24
CA PRO A 402 4.63 9.31 -21.29
C PRO A 402 6.09 9.67 -21.59
N ALA A 403 7.01 9.44 -20.64
CA ALA A 403 8.45 9.67 -20.84
C ALA A 403 9.01 8.68 -21.86
N LEU A 404 8.46 7.44 -21.88
CA LEU A 404 8.85 6.40 -22.84
C LEU A 404 8.11 6.60 -24.17
N LYS A 405 6.82 6.98 -24.13
CA LYS A 405 6.02 7.19 -25.34
C LYS A 405 6.54 8.37 -26.17
N LYS A 406 7.00 9.46 -25.52
CA LYS A 406 7.55 10.63 -26.23
C LYS A 406 8.95 10.36 -26.78
N GLN A 407 9.80 9.64 -26.02
CA GLN A 407 11.18 9.34 -26.43
C GLN A 407 11.21 8.35 -27.59
N ARG A 408 10.47 7.23 -27.48
CA ARG A 408 10.42 6.19 -28.52
C ARG A 408 9.30 6.39 -29.56
N LYS A 409 8.47 7.47 -29.44
CA LYS A 409 7.39 7.80 -30.37
C LYS A 409 6.28 6.73 -30.41
N LEU A 410 5.79 6.29 -29.24
CA LEU A 410 4.74 5.27 -29.14
C LEU A 410 3.36 5.90 -29.01
N SER A 411 2.34 5.27 -29.60
CA SER A 411 0.96 5.75 -29.54
C SER A 411 0.33 5.44 -28.19
N ASP A 412 0.52 4.21 -27.70
CA ASP A 412 0.01 3.76 -26.40
C ASP A 412 1.01 2.82 -25.73
N LEU A 413 1.05 2.87 -24.40
CA LEU A 413 1.93 2.03 -23.59
C LEU A 413 1.32 1.95 -22.20
N GLU A 414 1.28 0.75 -21.60
CA GLU A 414 0.71 0.54 -20.27
C GLU A 414 1.73 -0.08 -19.33
N THR A 415 1.39 -0.13 -18.04
CA THR A 415 2.28 -0.69 -17.01
C THR A 415 1.52 -1.25 -15.81
N ALA A 416 2.25 -2.02 -15.00
CA ALA A 416 1.77 -2.63 -13.78
C ALA A 416 2.95 -2.81 -12.83
N ILE A 417 2.83 -2.35 -11.57
CA ILE A 417 3.89 -2.48 -10.56
C ILE A 417 3.29 -3.20 -9.36
N VAL A 418 4.07 -4.08 -8.71
CA VAL A 418 3.65 -4.81 -7.51
C VAL A 418 4.83 -4.89 -6.54
N VAL A 419 4.67 -4.30 -5.33
CA VAL A 419 5.69 -4.32 -4.29
C VAL A 419 5.20 -5.23 -3.18
N VAL A 420 6.03 -6.16 -2.72
CA VAL A 420 5.70 -7.07 -1.61
C VAL A 420 6.89 -7.14 -0.64
N ASP A 421 6.63 -7.57 0.60
CA ASP A 421 7.69 -7.69 1.62
C ASP A 421 8.58 -8.88 1.27
N ARG A 422 9.90 -8.68 1.33
CA ARG A 422 10.90 -9.70 1.00
C ARG A 422 10.77 -10.99 1.86
N PHE A 423 10.49 -10.87 3.17
CA PHE A 423 10.38 -12.02 4.07
C PHE A 423 8.97 -12.50 4.36
N SER A 424 7.99 -11.59 4.52
CA SER A 424 6.61 -11.97 4.84
C SER A 424 5.67 -12.09 3.63
N GLY A 425 6.03 -11.51 2.49
CA GLY A 425 5.16 -11.51 1.32
C GLY A 425 3.95 -10.60 1.42
N GLU A 426 3.94 -9.68 2.41
CA GLU A 426 2.84 -8.74 2.59
C GLU A 426 2.83 -7.75 1.46
N VAL A 427 1.72 -7.62 0.71
CA VAL A 427 1.64 -6.70 -0.44
C VAL A 427 1.64 -5.25 0.07
N ARG A 428 2.71 -4.50 -0.26
CA ARG A 428 2.92 -3.12 0.21
C ARG A 428 2.30 -2.09 -0.77
N ALA A 429 2.36 -2.37 -2.09
CA ALA A 429 1.81 -1.49 -3.11
C ALA A 429 1.38 -2.26 -4.36
N MET A 430 0.46 -1.69 -5.15
CA MET A 430 -0.03 -2.28 -6.40
C MET A 430 -0.58 -1.21 -7.36
N VAL A 431 0.13 -1.00 -8.48
CA VAL A 431 -0.29 -0.11 -9.56
C VAL A 431 -0.68 -1.04 -10.72
N GLY A 432 -1.86 -0.83 -11.29
CA GLY A 432 -2.36 -1.66 -12.39
C GLY A 432 -2.69 -0.89 -13.66
N GLY A 433 -2.05 0.26 -13.87
CA GLY A 433 -2.30 1.07 -15.06
C GLY A 433 -1.42 2.29 -15.16
N SER A 434 -1.41 2.91 -16.34
CA SER A 434 -0.61 4.10 -16.62
C SER A 434 -1.17 5.35 -15.94
N GLU A 435 -2.51 5.51 -15.93
CA GLU A 435 -3.19 6.63 -15.29
C GLU A 435 -4.16 6.12 -14.20
N PRO A 436 -3.75 6.03 -12.92
CA PRO A 436 -4.67 5.54 -11.88
C PRO A 436 -5.70 6.58 -11.38
N GLN A 437 -6.11 7.55 -12.22
CA GLN A 437 -7.11 8.58 -11.85
C GLN A 437 -8.47 7.88 -11.90
N PHE A 438 -8.73 7.20 -13.04
CA PHE A 438 -9.92 6.39 -13.29
C PHE A 438 -9.39 5.05 -13.81
N ALA A 439 -9.36 4.00 -12.95
CA ALA A 439 -8.82 2.69 -13.31
C ALA A 439 -9.85 1.57 -13.14
N GLY A 440 -10.43 1.13 -14.27
CA GLY A 440 -11.38 0.03 -14.31
C GLY A 440 -10.69 -1.32 -14.42
N TYR A 441 -9.64 -1.40 -15.27
CA TYR A 441 -8.86 -2.62 -15.48
C TYR A 441 -7.60 -2.58 -14.62
N ASN A 442 -7.31 -3.70 -13.91
CA ASN A 442 -6.16 -3.86 -13.03
C ASN A 442 -5.17 -4.83 -13.69
N ARG A 443 -4.15 -4.28 -14.33
CA ARG A 443 -3.13 -5.09 -15.00
C ARG A 443 -2.23 -5.89 -14.04
N ALA A 444 -2.08 -5.45 -12.77
CA ALA A 444 -1.27 -6.19 -11.80
C ALA A 444 -1.85 -7.56 -11.43
N MET A 445 -3.17 -7.73 -11.56
CA MET A 445 -3.85 -8.99 -11.26
C MET A 445 -4.45 -9.64 -12.52
N GLN A 446 -5.18 -8.88 -13.35
CA GLN A 446 -5.90 -9.41 -14.51
C GLN A 446 -5.04 -9.65 -15.77
N ALA A 447 -4.04 -8.81 -16.06
CA ALA A 447 -3.24 -8.98 -17.28
C ALA A 447 -2.19 -10.10 -17.15
N ARG A 448 -2.51 -11.28 -17.72
CA ARG A 448 -1.65 -12.47 -17.68
C ARG A 448 -0.77 -12.50 -18.93
N ARG A 449 0.54 -12.16 -18.79
CA ARG A 449 1.50 -12.09 -19.90
C ARG A 449 2.73 -12.97 -19.75
N SER A 450 3.45 -13.19 -20.87
CA SER A 450 4.65 -14.01 -20.91
C SER A 450 5.78 -13.35 -20.11
N ILE A 451 6.38 -14.10 -19.16
CA ILE A 451 7.44 -13.59 -18.30
C ILE A 451 8.80 -13.45 -19.05
N GLY A 452 8.99 -14.18 -20.14
CA GLY A 452 10.21 -14.08 -20.96
C GLY A 452 11.46 -14.54 -20.24
N SER A 453 12.57 -13.79 -20.42
CA SER A 453 13.85 -14.05 -19.74
C SER A 453 13.75 -13.99 -18.21
N LEU A 454 12.67 -13.41 -17.65
CA LEU A 454 12.44 -13.38 -16.20
C LEU A 454 12.23 -14.81 -15.63
N ALA A 455 12.11 -15.83 -16.52
CA ALA A 455 12.01 -17.25 -16.19
C ALA A 455 13.39 -17.89 -15.97
N LYS A 456 14.50 -17.24 -16.38
CA LYS A 456 15.85 -17.83 -16.29
C LYS A 456 16.31 -18.17 -14.88
N PRO A 457 16.08 -17.34 -13.84
CA PRO A 457 16.53 -17.70 -12.48
C PRO A 457 16.06 -19.05 -11.94
N ALA A 458 14.89 -19.55 -12.38
CA ALA A 458 14.34 -20.85 -11.95
C ALA A 458 15.22 -22.03 -12.35
N THR A 459 15.87 -21.93 -13.52
CA THR A 459 16.74 -22.99 -14.04
C THR A 459 18.04 -23.05 -13.24
N TYR A 460 18.61 -21.88 -12.93
CA TYR A 460 19.85 -21.76 -12.18
C TYR A 460 19.65 -22.09 -10.71
N LEU A 461 18.42 -21.90 -10.21
CA LEU A 461 18.05 -22.27 -8.84
C LEU A 461 18.05 -23.78 -8.73
N THR A 462 17.37 -24.45 -9.67
CA THR A 462 17.33 -25.91 -9.75
C THR A 462 18.77 -26.47 -9.80
N ALA A 463 19.64 -25.88 -10.64
CA ALA A 463 21.04 -26.31 -10.74
C ALA A 463 21.80 -26.09 -9.45
N LEU A 464 21.81 -24.86 -8.93
CA LEU A 464 22.56 -24.51 -7.73
C LEU A 464 22.04 -25.16 -6.44
N SER A 465 20.93 -25.93 -6.50
CA SER A 465 20.44 -26.72 -5.36
C SER A 465 21.16 -28.08 -5.32
N GLN A 466 22.09 -28.35 -6.27
CA GLN A 466 22.88 -29.57 -6.38
C GLN A 466 24.35 -29.16 -6.19
N PRO A 467 24.74 -28.82 -4.93
CA PRO A 467 26.11 -28.32 -4.67
C PRO A 467 27.26 -29.23 -5.08
N LYS A 468 27.10 -30.51 -4.81
CA LYS A 468 28.07 -31.55 -5.13
C LYS A 468 28.30 -31.78 -6.65
N ILE A 469 27.40 -31.28 -7.56
CA ILE A 469 27.57 -31.43 -9.03
C ILE A 469 27.55 -30.07 -9.78
N TYR A 470 26.61 -29.15 -9.47
CA TYR A 470 26.46 -27.84 -10.13
C TYR A 470 26.82 -26.71 -9.17
N ARG A 471 27.73 -25.82 -9.58
CA ARG A 471 28.19 -24.67 -8.80
C ARG A 471 28.22 -23.37 -9.66
N LEU A 472 28.73 -22.26 -9.10
CA LEU A 472 28.83 -21.00 -9.86
C LEU A 472 29.96 -21.04 -10.91
N ASN A 473 30.94 -21.96 -10.77
CA ASN A 473 32.06 -22.11 -11.71
C ASN A 473 31.90 -23.29 -12.68
N THR A 474 30.73 -23.97 -12.69
CA THR A 474 30.53 -25.08 -13.63
C THR A 474 30.37 -24.51 -15.01
N TRP A 475 30.99 -25.16 -15.99
CA TRP A 475 30.95 -24.73 -17.37
C TRP A 475 29.70 -25.26 -18.05
N ILE A 476 29.08 -24.40 -18.88
CA ILE A 476 27.91 -24.74 -19.69
C ILE A 476 28.31 -24.47 -21.12
N ALA A 477 27.92 -25.36 -22.04
CA ALA A 477 28.25 -25.25 -23.44
C ALA A 477 27.52 -24.09 -24.10
N ASP A 478 28.17 -23.48 -25.10
CA ASP A 478 27.63 -22.36 -25.87
C ASP A 478 28.09 -22.53 -27.32
N ALA A 479 27.37 -23.39 -28.05
CA ALA A 479 27.59 -23.71 -29.46
C ALA A 479 26.23 -24.02 -30.08
N PRO A 480 26.08 -24.04 -31.43
CA PRO A 480 24.75 -24.30 -32.03
C PRO A 480 23.99 -25.53 -31.51
N ILE A 481 22.70 -25.32 -31.20
CA ILE A 481 21.78 -26.34 -30.67
C ILE A 481 20.67 -26.63 -31.68
N ALA A 482 20.19 -27.89 -31.69
CA ALA A 482 19.12 -28.34 -32.57
C ALA A 482 18.33 -29.46 -31.87
N LEU A 483 17.25 -29.08 -31.17
CA LEU A 483 16.43 -30.03 -30.40
C LEU A 483 15.16 -30.41 -31.14
N ARG A 484 15.04 -31.70 -31.52
CA ARG A 484 13.88 -32.22 -32.25
C ARG A 484 12.73 -32.43 -31.27
N GLN A 485 11.49 -32.20 -31.74
CA GLN A 485 10.28 -32.32 -30.92
C GLN A 485 9.08 -32.91 -31.70
N PRO A 486 8.04 -33.45 -31.02
CA PRO A 486 6.88 -33.97 -31.77
C PRO A 486 5.99 -32.84 -32.29
N ASN A 487 5.67 -32.85 -33.60
CA ASN A 487 4.86 -31.82 -34.27
C ASN A 487 5.49 -30.42 -34.11
N GLY A 488 6.61 -30.15 -34.79
CA GLY A 488 7.25 -31.04 -35.76
C GLY A 488 8.65 -30.64 -36.19
N GLN A 489 8.86 -29.35 -36.50
CA GLN A 489 10.17 -28.84 -36.92
C GLN A 489 11.16 -28.84 -35.75
N VAL A 490 12.47 -28.87 -36.07
CA VAL A 490 13.53 -28.86 -35.06
C VAL A 490 13.63 -27.47 -34.38
N TRP A 491 13.76 -27.45 -33.04
CA TRP A 491 13.87 -26.21 -32.27
C TRP A 491 15.36 -25.82 -32.17
N SER A 492 15.74 -24.72 -32.83
CA SER A 492 17.12 -24.21 -32.82
C SER A 492 17.15 -22.86 -32.10
N PRO A 493 17.22 -22.84 -30.75
CA PRO A 493 17.23 -21.55 -30.03
C PRO A 493 18.49 -20.73 -30.27
N GLN A 494 18.35 -19.40 -30.20
CA GLN A 494 19.43 -18.45 -30.45
C GLN A 494 19.58 -17.44 -29.33
N ASN A 495 20.83 -17.03 -29.08
CA ASN A 495 21.14 -15.95 -28.14
C ASN A 495 20.69 -14.65 -28.82
N ASP A 496 20.48 -13.56 -28.04
CA ASP A 496 20.06 -12.27 -28.62
C ASP A 496 21.12 -11.75 -29.64
N ASP A 497 22.39 -12.04 -29.36
CA ASP A 497 23.58 -11.68 -30.13
C ASP A 497 23.71 -12.52 -31.43
N ARG A 498 23.16 -13.76 -31.43
CA ARG A 498 23.28 -14.76 -32.50
C ARG A 498 24.76 -15.19 -32.63
N ARG A 499 25.49 -15.04 -31.51
CA ARG A 499 26.92 -15.28 -31.37
C ARG A 499 27.12 -16.42 -30.36
N TYR A 500 28.27 -17.10 -30.48
CA TYR A 500 28.68 -18.15 -29.56
C TYR A 500 30.04 -17.78 -28.96
N SER A 501 30.38 -18.36 -27.80
CA SER A 501 31.64 -18.09 -27.13
C SER A 501 32.79 -18.74 -27.90
N GLU A 502 33.97 -18.08 -27.95
CA GLU A 502 35.16 -18.59 -28.64
C GLU A 502 35.56 -19.96 -28.11
N SER A 503 35.60 -20.10 -26.77
CA SER A 503 35.93 -21.36 -26.11
C SER A 503 34.83 -22.44 -26.25
N GLY A 504 33.63 -22.05 -26.66
CA GLY A 504 32.50 -22.95 -26.81
C GLY A 504 31.85 -23.25 -25.47
N ARG A 505 32.08 -22.38 -24.47
CA ARG A 505 31.55 -22.57 -23.13
C ARG A 505 31.59 -21.26 -22.32
N VAL A 506 30.72 -21.16 -21.31
CA VAL A 506 30.68 -20.05 -20.34
C VAL A 506 30.36 -20.66 -18.98
N MET A 507 30.88 -20.08 -17.90
CA MET A 507 30.56 -20.63 -16.58
C MET A 507 29.20 -20.13 -16.13
N LEU A 508 28.45 -21.05 -15.49
CA LEU A 508 27.08 -20.86 -15.00
C LEU A 508 26.76 -19.43 -14.58
N VAL A 509 27.52 -18.90 -13.62
CA VAL A 509 27.40 -17.53 -13.08
C VAL A 509 27.20 -16.46 -14.16
N ASP A 510 27.99 -16.52 -15.25
CA ASP A 510 27.95 -15.53 -16.33
C ASP A 510 26.77 -15.73 -17.27
N ALA A 511 26.31 -16.97 -17.47
CA ALA A 511 25.14 -17.24 -18.31
C ALA A 511 23.88 -16.58 -17.73
N LEU A 512 23.72 -16.59 -16.40
CA LEU A 512 22.58 -15.91 -15.77
C LEU A 512 22.79 -14.41 -15.77
N THR A 513 24.01 -13.95 -15.41
CA THR A 513 24.38 -12.53 -15.41
C THR A 513 24.03 -11.88 -16.74
N ARG A 514 24.40 -12.54 -17.85
CA ARG A 514 24.19 -12.04 -19.20
C ARG A 514 22.86 -12.49 -19.86
N SER A 515 22.08 -13.37 -19.21
CA SER A 515 20.79 -13.85 -19.71
C SER A 515 20.98 -14.56 -21.07
N MET A 516 21.97 -15.46 -21.12
CA MET A 516 22.35 -16.16 -22.34
C MET A 516 21.34 -17.29 -22.61
N ASN A 517 20.70 -17.27 -23.79
CA ASN A 517 19.63 -18.22 -24.14
C ASN A 517 20.11 -19.65 -24.36
N VAL A 518 21.13 -19.84 -25.22
CA VAL A 518 21.68 -21.15 -25.57
C VAL A 518 22.16 -21.92 -24.31
N PRO A 519 23.05 -21.37 -23.45
CA PRO A 519 23.44 -22.11 -22.23
C PRO A 519 22.32 -22.39 -21.24
N THR A 520 21.26 -21.55 -21.20
CA THR A 520 20.12 -21.81 -20.31
C THR A 520 19.35 -23.03 -20.80
N VAL A 521 19.30 -23.25 -22.13
CA VAL A 521 18.64 -24.42 -22.71
C VAL A 521 19.51 -25.65 -22.44
N ASN A 522 20.84 -25.54 -22.57
CA ASN A 522 21.76 -26.65 -22.30
C ASN A 522 21.76 -27.05 -20.84
N LEU A 523 21.61 -26.06 -19.94
CA LEU A 523 21.55 -26.32 -18.50
C LEU A 523 20.18 -26.90 -18.15
N GLY A 524 19.13 -26.21 -18.58
CA GLY A 524 17.75 -26.59 -18.33
C GLY A 524 17.38 -28.00 -18.78
N MET A 525 17.94 -28.43 -19.93
CA MET A 525 17.67 -29.77 -20.47
C MET A 525 18.53 -30.85 -19.78
N ALA A 526 19.72 -30.48 -19.23
CA ALA A 526 20.57 -31.42 -18.48
C ALA A 526 19.93 -31.79 -17.14
N LEU A 527 19.26 -30.82 -16.49
CA LEU A 527 18.57 -31.04 -15.22
C LEU A 527 17.28 -31.83 -15.44
N GLY A 528 16.61 -31.52 -16.56
CA GLY A 528 15.34 -32.10 -16.95
C GLY A 528 14.26 -31.08 -16.74
N LEU A 529 13.26 -31.07 -17.64
CA LEU A 529 12.14 -30.13 -17.56
C LEU A 529 11.25 -30.36 -16.33
N PRO A 530 11.02 -31.58 -15.78
CA PRO A 530 10.19 -31.65 -14.58
C PRO A 530 10.92 -31.15 -13.32
N ALA A 531 12.27 -31.26 -13.26
CA ALA A 531 13.04 -30.72 -12.13
C ALA A 531 12.91 -29.19 -12.07
N VAL A 532 12.96 -28.53 -13.25
CA VAL A 532 12.81 -27.07 -13.35
C VAL A 532 11.36 -26.69 -13.04
N THR A 533 10.38 -27.47 -13.57
CA THR A 533 8.95 -27.22 -13.30
C THR A 533 8.62 -27.44 -11.82
N GLU A 534 9.31 -28.38 -11.14
CA GLU A 534 9.10 -28.63 -9.71
C GLU A 534 9.49 -27.37 -8.91
N THR A 535 10.57 -26.67 -9.31
CA THR A 535 11.00 -25.42 -8.67
C THR A 535 9.92 -24.33 -8.83
N TRP A 536 9.26 -24.23 -10.00
CA TRP A 536 8.18 -23.23 -10.19
C TRP A 536 7.01 -23.49 -9.24
N ILE A 537 6.74 -24.78 -8.92
CA ILE A 537 5.68 -25.17 -7.98
C ILE A 537 6.13 -24.78 -6.58
N LYS A 538 7.43 -25.02 -6.26
CA LYS A 538 7.98 -24.66 -4.95
C LYS A 538 8.02 -23.14 -4.79
N LEU A 539 8.26 -22.39 -5.89
CA LEU A 539 8.29 -20.93 -5.86
C LEU A 539 6.91 -20.28 -5.67
N GLY A 540 5.82 -21.03 -5.86
CA GLY A 540 4.46 -20.57 -5.60
C GLY A 540 3.71 -19.98 -6.78
N VAL A 541 3.92 -20.52 -7.98
CA VAL A 541 3.21 -20.05 -9.18
C VAL A 541 2.03 -21.01 -9.47
N PRO A 542 1.05 -20.61 -10.30
CA PRO A 542 -0.07 -21.53 -10.59
C PRO A 542 0.38 -22.76 -11.38
N LYS A 543 -0.07 -23.94 -10.94
CA LYS A 543 0.28 -25.21 -11.58
C LYS A 543 -0.43 -25.35 -12.92
N ASP A 544 -1.65 -24.78 -13.07
CA ASP A 544 -2.40 -24.82 -14.32
C ASP A 544 -1.72 -24.02 -15.47
N GLN A 545 -0.76 -23.12 -15.16
CA GLN A 545 -0.03 -22.33 -16.16
C GLN A 545 1.29 -22.96 -16.60
N LEU A 546 1.74 -24.06 -15.95
CA LEU A 546 3.01 -24.71 -16.32
C LEU A 546 2.78 -25.75 -17.41
N HIS A 547 3.52 -25.62 -18.53
CA HIS A 547 3.49 -26.54 -19.69
C HIS A 547 4.94 -26.97 -19.89
N PRO A 548 5.39 -28.08 -19.26
CA PRO A 548 6.82 -28.43 -19.32
C PRO A 548 7.34 -28.88 -20.68
N VAL A 549 7.69 -27.89 -21.50
CA VAL A 549 8.30 -28.08 -22.83
C VAL A 549 9.54 -27.19 -22.86
N PRO A 550 10.52 -27.43 -23.76
CA PRO A 550 11.73 -26.60 -23.78
C PRO A 550 11.54 -25.08 -23.90
N ALA A 551 10.40 -24.62 -24.45
CA ALA A 551 10.12 -23.18 -24.55
C ALA A 551 9.98 -22.54 -23.16
N MET A 552 9.46 -23.31 -22.18
CA MET A 552 9.27 -22.90 -20.78
C MET A 552 10.60 -22.42 -20.15
N LEU A 553 11.72 -23.05 -20.54
CA LEU A 553 13.05 -22.68 -20.02
C LEU A 553 13.44 -21.24 -20.35
N LEU A 554 12.96 -20.71 -21.49
CA LEU A 554 13.26 -19.34 -21.92
C LEU A 554 12.05 -18.40 -21.89
N GLY A 555 11.04 -18.71 -21.08
CA GLY A 555 9.90 -17.82 -20.90
C GLY A 555 8.55 -18.16 -21.48
N ALA A 556 8.28 -19.42 -21.87
CA ALA A 556 6.93 -19.80 -22.32
C ALA A 556 6.13 -20.13 -21.06
N LEU A 557 5.72 -19.08 -20.35
CA LEU A 557 5.01 -19.18 -19.07
C LEU A 557 4.28 -17.87 -18.84
N ASN A 558 2.94 -17.87 -18.90
CA ASN A 558 2.13 -16.65 -18.80
C ASN A 558 1.61 -16.40 -17.39
N LEU A 559 2.29 -15.51 -16.65
CA LEU A 559 1.92 -15.14 -15.29
C LEU A 559 1.54 -13.66 -15.21
N THR A 560 0.80 -13.29 -14.17
CA THR A 560 0.40 -11.91 -13.90
C THR A 560 1.42 -11.32 -12.91
N PRO A 561 1.59 -9.99 -12.83
CA PRO A 561 2.59 -9.42 -11.88
C PRO A 561 2.50 -9.87 -10.42
N ILE A 562 1.30 -10.19 -9.89
CA ILE A 562 1.17 -10.66 -8.51
C ILE A 562 1.63 -12.14 -8.37
N GLU A 563 1.63 -12.90 -9.46
CA GLU A 563 2.09 -14.29 -9.44
C GLU A 563 3.61 -14.29 -9.58
N VAL A 564 4.16 -13.33 -10.36
CA VAL A 564 5.60 -13.17 -10.50
C VAL A 564 6.13 -12.71 -9.14
N ALA A 565 5.42 -11.77 -8.48
CA ALA A 565 5.76 -11.24 -7.15
C ALA A 565 6.01 -12.34 -6.13
N GLN A 566 5.17 -13.39 -6.14
CA GLN A 566 5.27 -14.54 -5.25
C GLN A 566 6.50 -15.38 -5.55
N ALA A 567 6.85 -15.58 -6.84
CA ALA A 567 7.99 -16.39 -7.24
C ALA A 567 9.30 -15.79 -6.76
N PHE A 568 9.50 -14.51 -7.07
CA PHE A 568 10.71 -13.79 -6.67
C PHE A 568 10.77 -13.56 -5.15
N GLN A 569 9.59 -13.47 -4.48
CA GLN A 569 9.52 -13.36 -3.03
C GLN A 569 10.13 -14.61 -2.38
N THR A 570 9.75 -15.81 -2.88
CA THR A 570 10.29 -17.08 -2.37
C THR A 570 11.82 -17.11 -2.46
N ILE A 571 12.38 -16.57 -3.55
CA ILE A 571 13.83 -16.49 -3.71
C ILE A 571 14.36 -15.45 -2.73
N ALA A 572 13.79 -14.22 -2.74
CA ALA A 572 14.20 -13.07 -1.91
C ALA A 572 14.37 -13.38 -0.41
N SER A 573 13.47 -14.21 0.14
CA SER A 573 13.51 -14.63 1.53
C SER A 573 14.64 -15.62 1.83
N GLY A 574 15.28 -16.19 0.81
CA GLY A 574 16.29 -17.22 0.94
C GLY A 574 15.63 -18.60 0.88
N GLY A 575 14.72 -18.78 -0.07
CA GLY A 575 13.99 -20.03 -0.27
C GLY A 575 12.87 -20.34 0.69
N ASN A 576 12.14 -19.32 1.18
CA ASN A 576 10.98 -19.53 2.07
C ASN A 576 9.75 -18.90 1.42
N ARG A 577 8.82 -19.74 0.91
CA ARG A 577 7.61 -19.26 0.25
C ARG A 577 6.64 -18.67 1.27
N ALA A 578 6.31 -17.38 1.12
CA ALA A 578 5.38 -16.68 2.02
C ALA A 578 4.14 -16.27 1.23
N PRO A 579 3.01 -17.03 1.35
CA PRO A 579 1.79 -16.68 0.61
C PRO A 579 1.44 -15.20 0.69
N LEU A 580 1.42 -14.51 -0.48
CA LEU A 580 1.19 -13.06 -0.52
C LEU A 580 -0.15 -12.70 0.10
N SER A 581 -0.15 -11.67 0.96
CA SER A 581 -1.35 -11.23 1.66
C SER A 581 -1.48 -9.71 1.66
N ALA A 582 -2.73 -9.23 1.64
CA ALA A 582 -3.08 -7.83 1.74
C ALA A 582 -3.59 -7.50 3.15
N LEU A 583 -4.23 -8.49 3.83
CA LEU A 583 -4.79 -8.31 5.17
C LEU A 583 -3.81 -8.60 6.30
N ARG A 584 -3.88 -7.80 7.38
CA ARG A 584 -3.11 -8.01 8.61
C ARG A 584 -4.09 -8.56 9.67
N SER A 585 -5.28 -7.94 9.79
CA SER A 585 -6.33 -8.41 10.70
C SER A 585 -7.69 -7.80 10.36
N VAL A 586 -8.77 -8.44 10.85
CA VAL A 586 -10.15 -8.00 10.68
C VAL A 586 -10.77 -8.00 12.07
N ILE A 587 -11.21 -6.82 12.56
CA ILE A 587 -11.77 -6.66 13.92
C ILE A 587 -13.23 -6.21 13.83
N ALA A 588 -14.07 -6.69 14.77
CA ALA A 588 -15.48 -6.31 14.85
C ALA A 588 -15.65 -4.95 15.54
N GLU A 589 -16.91 -4.47 15.67
CA GLU A 589 -17.23 -3.20 16.34
C GLU A 589 -17.00 -3.30 17.86
N ASP A 590 -17.12 -4.51 18.44
CA ASP A 590 -16.92 -4.75 19.88
C ASP A 590 -15.46 -5.10 20.26
N GLY A 591 -14.51 -4.93 19.34
CA GLY A 591 -13.10 -5.22 19.58
C GLY A 591 -12.70 -6.69 19.43
N LYS A 592 -13.66 -7.59 19.11
CA LYS A 592 -13.39 -9.02 18.95
C LYS A 592 -12.76 -9.26 17.58
N VAL A 593 -11.68 -10.06 17.52
CA VAL A 593 -10.99 -10.35 16.27
C VAL A 593 -11.75 -11.40 15.46
N LEU A 594 -11.87 -11.18 14.15
CA LEU A 594 -12.54 -12.08 13.22
C LEU A 594 -11.45 -12.87 12.47
N TYR A 595 -10.47 -12.16 11.89
CA TYR A 595 -9.31 -12.74 11.21
C TYR A 595 -8.04 -12.08 11.76
N GLN A 596 -6.96 -12.84 11.86
CA GLN A 596 -5.66 -12.34 12.33
C GLN A 596 -4.57 -13.19 11.66
N SER A 597 -3.67 -12.53 10.91
CA SER A 597 -2.61 -13.22 10.18
C SER A 597 -1.55 -13.81 11.12
N PHE A 598 -0.95 -14.92 10.69
CA PHE A 598 0.15 -15.59 11.38
C PHE A 598 1.22 -15.92 10.33
N PRO A 599 2.51 -16.08 10.69
CA PRO A 599 3.53 -16.34 9.65
C PRO A 599 3.36 -17.70 8.95
N GLN A 600 3.53 -17.71 7.61
CA GLN A 600 3.38 -18.93 6.79
C GLN A 600 4.61 -19.08 5.87
N ALA A 601 5.82 -18.98 6.45
CA ALA A 601 7.07 -19.13 5.70
C ALA A 601 7.34 -20.63 5.50
N GLU A 602 7.06 -21.14 4.29
CA GLU A 602 7.25 -22.55 3.95
C GLU A 602 8.56 -22.77 3.17
N ARG A 603 9.47 -23.61 3.71
CA ARG A 603 10.76 -23.93 3.08
C ARG A 603 10.52 -24.54 1.69
N ALA A 604 10.76 -23.73 0.64
CA ALA A 604 10.57 -24.12 -0.76
C ALA A 604 11.85 -24.71 -1.37
N VAL A 605 12.95 -23.96 -1.31
CA VAL A 605 14.24 -24.38 -1.88
C VAL A 605 15.34 -24.22 -0.82
N PRO A 606 16.53 -24.83 -0.99
CA PRO A 606 17.61 -24.62 -0.01
C PRO A 606 18.03 -23.16 0.13
N ALA A 607 18.36 -22.72 1.36
CA ALA A 607 18.77 -21.33 1.61
C ALA A 607 20.07 -20.95 0.90
N GLN A 608 20.98 -21.93 0.72
CA GLN A 608 22.25 -21.73 0.05
C GLN A 608 22.02 -21.52 -1.45
N ALA A 609 21.12 -22.31 -2.05
CA ALA A 609 20.78 -22.21 -3.47
C ALA A 609 20.16 -20.85 -3.77
N ALA A 610 19.18 -20.45 -2.95
CA ALA A 610 18.52 -19.14 -3.07
C ALA A 610 19.54 -18.00 -2.91
N TYR A 611 20.50 -18.14 -1.95
CA TYR A 611 21.55 -17.13 -1.71
C TYR A 611 22.43 -16.90 -2.94
N LEU A 612 22.93 -17.99 -3.57
CA LEU A 612 23.81 -17.93 -4.74
C LEU A 612 23.06 -17.35 -5.95
N THR A 613 21.75 -17.66 -6.08
CA THR A 613 20.90 -17.15 -7.15
C THR A 613 20.67 -15.66 -6.95
N LEU A 614 20.58 -15.18 -5.69
CA LEU A 614 20.44 -13.75 -5.41
C LEU A 614 21.78 -13.06 -5.61
N TRP A 615 22.88 -13.73 -5.24
CA TRP A 615 24.25 -13.23 -5.41
C TRP A 615 24.51 -13.05 -6.90
N THR A 616 24.03 -13.99 -7.72
CA THR A 616 24.16 -13.87 -9.18
C THR A 616 23.24 -12.77 -9.70
N MET A 617 22.04 -12.61 -9.14
CA MET A 617 21.13 -11.51 -9.51
C MET A 617 21.72 -10.13 -9.13
N GLN A 618 22.69 -10.05 -8.18
CA GLN A 618 23.39 -8.79 -7.88
C GLN A 618 24.36 -8.50 -9.05
N GLN A 619 24.97 -9.56 -9.65
CA GLN A 619 25.87 -9.42 -10.81
C GLN A 619 25.06 -9.00 -12.06
N VAL A 620 23.78 -9.45 -12.17
CA VAL A 620 22.88 -9.08 -13.27
C VAL A 620 22.70 -7.54 -13.29
N VAL A 621 22.48 -6.95 -12.11
CA VAL A 621 22.21 -5.51 -11.96
C VAL A 621 23.48 -4.64 -12.00
N GLN A 622 24.67 -5.20 -11.69
CA GLN A 622 25.93 -4.46 -11.65
C GLN A 622 26.68 -4.50 -12.97
N ARG A 623 26.86 -5.71 -13.52
CA ARG A 623 27.62 -5.92 -14.77
C ARG A 623 26.84 -6.63 -15.91
N GLY A 624 25.71 -7.28 -15.61
CA GLY A 624 24.93 -8.00 -16.60
C GLY A 624 23.86 -7.18 -17.28
N THR A 625 22.81 -7.86 -17.80
CA THR A 625 21.67 -7.24 -18.53
C THR A 625 21.11 -5.95 -17.88
N GLY A 626 21.10 -5.90 -16.55
CA GLY A 626 20.62 -4.75 -15.80
C GLY A 626 21.69 -3.78 -15.30
N ARG A 627 22.88 -3.72 -15.98
CA ARG A 627 24.00 -2.83 -15.60
C ARG A 627 23.62 -1.34 -15.47
N GLN A 628 22.53 -0.91 -16.13
CA GLN A 628 21.97 0.45 -16.09
C GLN A 628 21.68 0.89 -14.65
N LEU A 629 20.94 0.07 -13.89
CA LEU A 629 20.55 0.39 -12.51
C LEU A 629 21.69 0.32 -11.47
N GLY A 630 22.64 -0.60 -11.66
CA GLY A 630 23.77 -0.75 -10.74
C GLY A 630 24.70 0.43 -10.69
N ALA A 631 24.77 1.20 -11.77
CA ALA A 631 25.57 2.41 -11.89
C ALA A 631 24.87 3.60 -11.26
N LYS A 632 23.51 3.61 -11.30
CA LYS A 632 22.70 4.66 -10.68
C LYS A 632 22.68 4.49 -9.16
N TYR A 633 22.30 3.28 -8.69
CA TYR A 633 22.22 2.95 -7.26
C TYR A 633 23.20 1.84 -6.83
N PRO A 634 24.53 2.08 -6.89
CA PRO A 634 25.49 1.03 -6.48
C PRO A 634 25.50 0.69 -4.99
N ASN A 635 25.17 1.65 -4.13
CA ASN A 635 25.21 1.47 -2.68
C ASN A 635 24.08 0.64 -2.12
N LEU A 636 23.04 0.37 -2.93
CA LEU A 636 21.97 -0.50 -2.52
C LEU A 636 22.39 -1.96 -2.71
N HIS A 637 23.29 -2.24 -3.69
CA HIS A 637 23.75 -3.60 -4.04
C HIS A 637 22.52 -4.45 -4.40
N LEU A 638 21.61 -3.82 -5.18
CA LEU A 638 20.32 -4.37 -5.62
C LEU A 638 20.49 -5.66 -6.40
N ALA A 639 19.62 -6.64 -6.14
CA ALA A 639 19.58 -7.93 -6.83
C ALA A 639 18.34 -7.90 -7.74
N GLY A 640 18.49 -8.28 -8.99
CA GLY A 640 17.35 -8.29 -9.89
C GLY A 640 17.54 -9.05 -11.18
N LYS A 641 16.49 -9.08 -11.99
CA LYS A 641 16.48 -9.80 -13.27
C LYS A 641 15.63 -9.07 -14.30
N THR A 642 16.10 -9.07 -15.55
CA THR A 642 15.40 -8.45 -16.68
C THR A 642 14.47 -9.47 -17.36
N GLY A 643 13.45 -8.96 -18.02
CA GLY A 643 12.46 -9.75 -18.73
C GLY A 643 12.18 -9.17 -20.10
N THR A 644 12.35 -9.98 -21.15
CA THR A 644 12.09 -9.60 -22.53
C THR A 644 11.51 -10.79 -23.27
N THR A 645 10.56 -10.56 -24.16
CA THR A 645 9.91 -11.61 -24.96
C THR A 645 10.32 -11.44 -26.42
N ASN A 646 9.85 -12.33 -27.32
CA ASN A 646 10.19 -12.21 -28.74
C ASN A 646 9.42 -11.02 -29.33
N ASN A 647 10.14 -10.12 -30.01
CA ASN A 647 9.62 -8.88 -30.59
C ASN A 647 9.23 -7.85 -29.49
N ASN A 648 9.72 -8.05 -28.24
CA ASN A 648 9.47 -7.20 -27.09
C ASN A 648 8.00 -6.78 -26.95
N VAL A 649 7.09 -7.78 -26.96
CA VAL A 649 5.65 -7.57 -26.77
C VAL A 649 5.44 -7.23 -25.30
N ASP A 650 6.23 -7.86 -24.41
CA ASP A 650 6.21 -7.63 -22.96
C ASP A 650 7.65 -7.44 -22.48
N THR A 651 7.87 -6.48 -21.56
CA THR A 651 9.15 -6.22 -20.92
C THR A 651 8.91 -6.26 -19.41
N TRP A 652 9.92 -6.66 -18.62
CA TRP A 652 9.79 -6.77 -17.17
C TRP A 652 11.08 -6.45 -16.45
N PHE A 653 10.95 -6.30 -15.14
CA PHE A 653 12.09 -6.18 -14.23
C PHE A 653 11.66 -6.61 -12.84
N ALA A 654 12.36 -7.59 -12.26
CA ALA A 654 12.13 -8.06 -10.90
C ALA A 654 13.27 -7.49 -10.10
N GLY A 655 12.99 -6.47 -9.28
CA GLY A 655 13.98 -5.80 -8.46
C GLY A 655 13.83 -6.10 -6.99
N ILE A 656 14.88 -6.67 -6.36
CA ILE A 656 14.88 -7.01 -4.94
C ILE A 656 15.88 -6.11 -4.21
N ASP A 657 15.41 -5.44 -3.13
CA ASP A 657 16.26 -4.64 -2.25
C ASP A 657 16.27 -5.36 -0.88
N GLY A 658 16.86 -4.75 0.15
CA GLY A 658 16.94 -5.36 1.47
C GLY A 658 15.62 -5.63 2.17
N SER A 659 14.60 -4.80 1.85
CA SER A 659 13.28 -4.83 2.48
C SER A 659 12.15 -5.41 1.62
N THR A 660 12.18 -5.25 0.28
CA THR A 660 11.08 -5.66 -0.60
C THR A 660 11.48 -6.29 -1.93
N VAL A 661 10.48 -6.85 -2.62
CA VAL A 661 10.58 -7.37 -3.99
C VAL A 661 9.64 -6.48 -4.78
N THR A 662 10.10 -5.90 -5.89
CA THR A 662 9.32 -5.02 -6.75
C THR A 662 9.29 -5.53 -8.19
N ILE A 663 8.14 -6.06 -8.63
CA ILE A 663 7.96 -6.53 -10.00
C ILE A 663 7.33 -5.41 -10.80
N THR A 664 7.82 -5.17 -12.01
CA THR A 664 7.31 -4.12 -12.90
C THR A 664 7.17 -4.69 -14.30
N TRP A 665 6.01 -4.49 -14.93
CA TRP A 665 5.72 -4.94 -16.30
C TRP A 665 5.45 -3.69 -17.15
N VAL A 666 5.90 -3.71 -18.42
CA VAL A 666 5.66 -2.63 -19.37
C VAL A 666 5.36 -3.25 -20.75
N GLY A 667 4.12 -3.09 -21.21
CA GLY A 667 3.67 -3.60 -22.50
C GLY A 667 2.37 -2.95 -22.95
N ARG A 668 1.85 -3.38 -24.12
CA ARG A 668 0.62 -2.84 -24.70
C ARG A 668 -0.54 -3.79 -24.44
N ASP A 669 -1.78 -3.26 -24.26
CA ASP A 669 -2.98 -4.05 -23.98
C ASP A 669 -3.38 -4.99 -25.13
N ASN A 670 -3.06 -4.62 -26.38
CA ASN A 670 -3.41 -5.41 -27.57
C ASN A 670 -2.34 -6.44 -28.01
N ASN A 671 -1.32 -6.72 -27.17
CA ASN A 671 -0.24 -7.68 -27.47
C ASN A 671 0.47 -7.35 -28.79
N GLN A 672 1.14 -6.19 -28.84
CA GLN A 672 1.85 -5.71 -30.02
C GLN A 672 3.29 -5.35 -29.66
N PRO A 673 4.21 -5.28 -30.66
CA PRO A 673 5.59 -4.88 -30.35
C PRO A 673 5.64 -3.46 -29.78
N THR A 674 6.33 -3.30 -28.65
CA THR A 674 6.43 -2.02 -27.95
C THR A 674 7.34 -1.00 -28.64
N LYS A 675 8.23 -1.43 -29.57
CA LYS A 675 9.21 -0.56 -30.24
C LYS A 675 10.12 0.10 -29.18
N LEU A 676 10.54 -0.70 -28.19
CA LEU A 676 11.36 -0.30 -27.05
C LEU A 676 12.55 -1.24 -26.94
N TYR A 677 13.77 -0.71 -26.65
CA TYR A 677 14.96 -1.55 -26.52
C TYR A 677 14.91 -2.38 -25.24
N GLY A 678 15.14 -3.69 -25.38
CA GLY A 678 15.20 -4.67 -24.30
C GLY A 678 14.27 -4.44 -23.13
N ALA A 679 14.81 -4.61 -21.90
CA ALA A 679 14.07 -4.40 -20.65
C ALA A 679 14.28 -2.97 -20.10
N SER A 680 14.79 -2.02 -20.93
CA SER A 680 14.99 -0.63 -20.53
C SER A 680 13.65 0.07 -20.24
N GLY A 681 12.58 -0.39 -20.89
CA GLY A 681 11.23 0.13 -20.67
C GLY A 681 10.77 -0.12 -19.25
N ALA A 682 10.84 -1.38 -18.79
CA ALA A 682 10.44 -1.78 -17.43
C ALA A 682 11.47 -1.38 -16.36
N MET A 683 12.76 -1.20 -16.71
CA MET A 683 13.80 -0.78 -15.77
C MET A 683 13.66 0.71 -15.44
N SER A 684 13.34 1.56 -16.43
CA SER A 684 13.17 3.01 -16.23
C SER A 684 11.99 3.32 -15.30
N ILE A 685 10.93 2.49 -15.30
CA ILE A 685 9.79 2.66 -14.38
C ILE A 685 10.27 2.29 -12.96
N TYR A 686 11.09 1.23 -12.82
CA TYR A 686 11.62 0.81 -11.51
C TYR A 686 12.60 1.87 -10.97
N GLN A 687 13.45 2.45 -11.84
CA GLN A 687 14.38 3.52 -11.47
C GLN A 687 13.59 4.70 -10.88
N ARG A 688 12.46 5.06 -11.54
CA ARG A 688 11.59 6.13 -11.06
C ARG A 688 10.99 5.79 -9.70
N TYR A 689 10.61 4.52 -9.48
CA TYR A 689 10.08 4.09 -8.18
C TYR A 689 11.19 4.19 -7.12
N LEU A 690 12.43 3.75 -7.46
CA LEU A 690 13.58 3.84 -6.53
C LEU A 690 13.90 5.29 -6.21
N ALA A 691 13.74 6.19 -7.20
CA ALA A 691 13.98 7.63 -7.04
C ALA A 691 12.89 8.28 -6.17
N ASN A 692 11.61 7.96 -6.44
CA ASN A 692 10.44 8.53 -5.75
C ASN A 692 10.33 8.23 -4.25
N GLN A 693 10.96 7.16 -3.74
CA GLN A 693 10.95 6.85 -2.30
C GLN A 693 12.39 6.54 -1.85
N THR A 694 12.61 6.07 -0.61
CA THR A 694 13.96 5.77 -0.12
C THR A 694 14.16 4.25 -0.03
N PRO A 695 14.91 3.63 -0.97
CA PRO A 695 15.10 2.17 -0.92
C PRO A 695 16.04 1.74 0.21
N THR A 696 15.97 0.45 0.55
CA THR A 696 16.77 -0.17 1.60
C THR A 696 17.92 -0.96 0.98
N PRO A 697 19.20 -0.70 1.33
CA PRO A 697 20.30 -1.48 0.77
C PRO A 697 20.23 -2.98 1.04
N LEU A 698 20.43 -3.80 0.00
CA LEU A 698 20.45 -5.25 0.12
C LEU A 698 21.85 -5.68 0.51
N ASN A 699 22.07 -5.95 1.80
CA ASN A 699 23.34 -6.45 2.32
C ASN A 699 23.06 -7.92 2.65
N LEU A 700 23.32 -8.84 1.69
CA LEU A 700 23.02 -10.26 1.89
C LEU A 700 23.85 -10.87 3.00
N VAL A 701 23.20 -11.65 3.88
CA VAL A 701 23.86 -12.39 4.94
C VAL A 701 23.97 -13.82 4.42
N PRO A 702 25.19 -14.33 4.13
CA PRO A 702 25.29 -15.69 3.60
C PRO A 702 24.88 -16.77 4.61
N PRO A 703 23.97 -17.71 4.25
CA PRO A 703 23.64 -18.80 5.19
C PRO A 703 24.85 -19.68 5.51
N GLU A 704 24.66 -20.71 6.36
CA GLU A 704 25.77 -21.61 6.70
C GLU A 704 26.17 -22.45 5.47
N ASP A 705 27.36 -23.08 5.50
CA ASP A 705 27.93 -23.86 4.41
C ASP A 705 28.26 -23.00 3.17
N ILE A 706 28.48 -21.68 3.33
CA ILE A 706 28.82 -20.79 2.22
C ILE A 706 30.31 -20.44 2.37
N ALA A 707 31.11 -20.73 1.34
CA ALA A 707 32.54 -20.47 1.34
C ALA A 707 32.93 -19.67 0.11
N ASP A 708 33.60 -18.53 0.30
CA ASP A 708 34.07 -17.72 -0.82
C ASP A 708 35.37 -18.34 -1.30
N MET A 709 35.35 -18.94 -2.50
CA MET A 709 36.49 -19.65 -3.07
C MET A 709 37.04 -18.97 -4.33
N GLY A 710 38.36 -18.99 -4.47
CA GLY A 710 39.06 -18.41 -5.61
C GLY A 710 39.22 -19.42 -6.73
N VAL A 711 38.97 -19.00 -8.00
CA VAL A 711 39.10 -19.88 -9.17
C VAL A 711 40.06 -19.27 -10.19
N ASP A 712 40.80 -20.12 -10.91
CA ASP A 712 41.75 -19.69 -11.96
C ASP A 712 41.01 -19.30 -13.26
N TYR A 713 41.75 -18.92 -14.33
CA TYR A 713 41.13 -18.56 -15.61
C TYR A 713 40.43 -19.77 -16.26
N ASP A 714 40.94 -20.99 -16.00
CA ASP A 714 40.35 -22.23 -16.51
C ASP A 714 39.10 -22.69 -15.69
N GLY A 715 38.70 -21.92 -14.67
CA GLY A 715 37.50 -22.17 -13.87
C GLY A 715 37.59 -23.22 -12.80
N ASN A 716 38.82 -23.53 -12.32
CA ASN A 716 39.05 -24.55 -11.29
C ASN A 716 39.49 -23.90 -9.98
N PHE A 717 39.00 -24.44 -8.84
CA PHE A 717 39.32 -23.92 -7.51
C PHE A 717 40.82 -23.97 -7.22
N VAL A 718 41.32 -22.95 -6.50
CA VAL A 718 42.73 -22.82 -6.15
C VAL A 718 42.85 -22.89 -4.62
N CYS A 719 43.96 -23.47 -4.14
CA CYS A 719 44.23 -23.63 -2.71
C CYS A 719 44.45 -22.29 -2.04
N SER A 720 45.53 -21.60 -2.44
CA SER A 720 45.87 -20.26 -1.95
C SER A 720 45.78 -19.34 -3.17
N GLY A 721 45.10 -18.22 -3.00
CA GLY A 721 44.93 -17.24 -4.06
C GLY A 721 43.85 -17.61 -5.07
N GLY A 722 44.03 -17.11 -6.29
CA GLY A 722 43.10 -17.26 -7.40
C GLY A 722 42.93 -15.90 -8.06
N MET A 723 42.08 -15.79 -9.09
CA MET A 723 41.86 -14.50 -9.78
C MET A 723 40.37 -14.13 -9.92
N ARG A 724 39.47 -14.87 -9.25
CA ARG A 724 38.04 -14.58 -9.24
C ARG A 724 37.42 -15.28 -8.05
N ILE A 725 36.81 -14.51 -7.14
CA ILE A 725 36.22 -15.02 -5.92
C ILE A 725 34.75 -15.29 -6.16
N LEU A 726 34.28 -16.51 -5.80
CA LEU A 726 32.89 -16.92 -5.98
C LEU A 726 32.38 -17.59 -4.72
N PRO A 727 31.15 -17.27 -4.27
CA PRO A 727 30.58 -17.98 -3.12
C PRO A 727 30.22 -19.40 -3.54
N VAL A 728 30.48 -20.38 -2.69
CA VAL A 728 30.23 -21.77 -3.05
C VAL A 728 29.73 -22.56 -1.83
N TRP A 729 28.64 -23.32 -2.04
CA TRP A 729 27.98 -24.13 -1.01
C TRP A 729 28.87 -25.35 -0.65
N THR A 730 29.62 -25.24 0.46
CA THR A 730 30.50 -26.29 0.99
C THR A 730 30.61 -26.22 2.52
N SER A 731 30.65 -27.38 3.18
CA SER A 731 30.85 -27.48 4.64
C SER A 731 32.37 -27.45 4.89
N ASP A 732 33.12 -28.23 4.08
CA ASP A 732 34.58 -28.29 4.10
C ASP A 732 35.10 -27.67 2.79
N PRO A 733 35.58 -26.41 2.78
CA PRO A 733 36.05 -25.81 1.52
C PRO A 733 37.34 -26.39 0.91
N GLN A 734 37.66 -27.69 1.13
CA GLN A 734 38.86 -28.33 0.60
C GLN A 734 38.58 -29.10 -0.71
N SER A 735 37.81 -28.48 -1.62
CA SER A 735 37.58 -29.01 -2.98
C SER A 735 38.87 -28.66 -3.73
N LEU A 736 39.47 -27.49 -3.41
CA LEU A 736 40.76 -27.02 -3.93
C LEU A 736 41.85 -28.10 -3.96
N CYS A 737 41.87 -29.01 -2.96
CA CYS A 737 42.83 -30.13 -2.93
C CYS A 737 42.58 -31.08 -4.10
N GLN A 738 41.29 -31.43 -4.35
CA GLN A 738 40.89 -32.31 -5.44
C GLN A 738 41.18 -31.70 -6.83
N GLN A 739 41.15 -30.35 -6.94
CA GLN A 739 41.43 -29.64 -8.18
C GLN A 739 42.94 -29.42 -8.37
N SER A 740 43.65 -29.02 -7.30
CA SER A 740 45.09 -28.75 -7.35
C SER A 740 46.00 -29.99 -7.56
N GLU A 741 45.49 -31.23 -7.36
CA GLU A 741 46.30 -32.45 -7.53
C GLU A 741 46.26 -33.01 -8.98
N MET A 742 46.37 -32.11 -10.00
CA MET A 742 46.36 -32.48 -11.42
C MET A 742 47.73 -32.15 -12.03
N PRO B 5 -16.24 36.01 28.37
CA PRO B 5 -14.96 36.22 29.08
C PRO B 5 -13.75 36.17 28.15
N GLU B 6 -12.64 36.81 28.56
CA GLU B 6 -11.39 36.88 27.79
C GLU B 6 -10.57 35.57 27.83
N GLU B 7 -10.87 34.65 28.76
CA GLU B 7 -10.15 33.37 28.86
C GLU B 7 -10.52 32.39 27.71
N ARG B 8 -11.66 32.63 27.02
CA ARG B 8 -12.11 31.79 25.90
C ARG B 8 -11.48 32.28 24.60
N TRP B 9 -11.52 33.61 24.36
CA TRP B 9 -10.99 34.24 23.15
C TRP B 9 -9.45 34.18 23.03
N ARG B 10 -8.72 34.28 24.17
CA ARG B 10 -7.26 34.23 24.17
C ARG B 10 -6.72 32.84 23.79
N TYR B 11 -7.35 31.78 24.31
CA TYR B 11 -7.00 30.39 24.00
C TYR B 11 -7.20 30.09 22.50
N ILE B 12 -8.26 30.65 21.89
CA ILE B 12 -8.58 30.45 20.47
C ILE B 12 -7.53 31.11 19.55
N LYS B 13 -6.88 32.21 19.98
CA LYS B 13 -5.84 32.87 19.16
C LYS B 13 -4.61 31.97 19.02
N GLU B 14 -4.11 31.40 20.14
CA GLU B 14 -2.95 30.50 20.13
C GLU B 14 -3.28 29.12 19.52
N LEU B 15 -4.57 28.75 19.43
CA LEU B 15 -5.04 27.50 18.83
C LEU B 15 -5.08 27.60 17.29
N GLU B 16 -5.43 28.79 16.75
CA GLU B 16 -5.54 29.03 15.31
C GLU B 16 -4.31 29.69 14.65
N SER B 17 -3.35 30.21 15.44
CA SER B 17 -2.16 30.87 14.90
C SER B 17 -1.20 29.87 14.26
#